data_5V4P
#
_entry.id   5V4P
#
_cell.length_a   61.533
_cell.length_b   106.421
_cell.length_c   141.010
_cell.angle_alpha   90.00
_cell.angle_beta   90.00
_cell.angle_gamma   90.00
#
_symmetry.space_group_name_H-M   'P 21 21 21'
#
loop_
_entity.id
_entity.type
_entity.pdbx_description
1 polymer 'NADPH dehydrogenase 3'
2 non-polymer 'FLAVIN MONONUCLEOTIDE'
3 non-polymer P-HYDROXYBENZALDEHYDE
4 non-polymer 'SODIUM ION'
5 non-polymer 2-[2-(2-METHOXY-ETHOXY)-ETHOXY]-ETHOXYL
6 water water
#
_entity_poly.entity_id   1
_entity_poly.type   'polypeptide(L)'
_entity_poly.pdbx_seq_one_letter_code
;MPFVKGFEPISLRDTNLFEPIKIGNTQLAHRAVMPPLTRMRATHPGNIPNKEWAAVYYGQRAQRPGTMIITEGTFISPQA
GGYDNAPGIWSDEQVAEWKNIFLAIHDCQSFAWVQLWSLGWASFPDVLARDGLRYDCASDRVYMNATLQEKAKDANNLEH
SLTKDDIKQYIKDYIHAAKNSIAAGADGVEIHSANGYLLNQFLDPHSNKRTDEYGGTIENRARFTLEVVDALIETIGPER
VGLRLSPYGTFNSMSGGAEPGIIAQYSYVLGELEKRAKAGKRLAFVHLVEPRVTDPSLVEGEGEYSEGTNDFAYSIWKGP
IIRAGNYALHPEVVREQVKDPRTLIGYGRFFISNPDLVYRLEEGLPLNKYDRSTFYTMSAEGYTDYPTYEEAVDLGWNKN
;
_entity_poly.pdbx_strand_id   A,B
#
loop_
_chem_comp.id
_chem_comp.type
_chem_comp.name
_chem_comp.formula
FMN non-polymer 'FLAVIN MONONUCLEOTIDE' 'C17 H21 N4 O9 P'
HBA non-polymer P-HYDROXYBENZALDEHYDE 'C7 H6 O2'
NA non-polymer 'SODIUM ION' 'Na 1'
TOE non-polymer 2-[2-(2-METHOXY-ETHOXY)-ETHOXY]-ETHOXYL 'C7 H16 O4'
#
# COMPACT_ATOMS: atom_id res chain seq x y z
N PRO A 2 15.48 -6.46 -10.31
CA PRO A 2 16.09 -6.70 -9.00
C PRO A 2 16.50 -5.39 -8.33
N PHE A 3 16.79 -5.42 -7.04
CA PHE A 3 17.29 -4.25 -6.31
C PHE A 3 18.78 -4.03 -6.59
N VAL A 4 19.20 -2.77 -6.49
CA VAL A 4 20.63 -2.42 -6.54
C VAL A 4 21.34 -3.10 -5.38
N LYS A 5 22.37 -3.90 -5.70
CA LYS A 5 22.89 -4.84 -4.71
C LYS A 5 23.75 -4.14 -3.66
N GLY A 6 24.72 -3.33 -4.08
CA GLY A 6 25.63 -2.79 -3.09
C GLY A 6 25.09 -1.61 -2.29
N PHE A 7 23.78 -1.37 -2.29
CA PHE A 7 23.24 -0.07 -1.86
C PHE A 7 22.73 -0.15 -0.43
N GLU A 8 23.23 0.75 0.42
CA GLU A 8 22.72 0.93 1.78
C GLU A 8 21.81 2.14 1.85
N PRO A 9 20.47 1.97 1.84
CA PRO A 9 19.58 3.14 1.84
C PRO A 9 19.66 3.93 3.14
N ILE A 10 19.45 5.23 3.02
CA ILE A 10 19.24 6.10 4.18
C ILE A 10 17.90 6.78 4.02
N SER A 11 17.09 6.75 5.09
CA SER A 11 15.84 7.50 5.12
C SER A 11 16.12 8.99 5.12
N LEU A 12 15.41 9.73 4.25
CA LEU A 12 15.56 11.18 4.15
C LEU A 12 14.32 11.92 4.66
N ARG A 13 13.40 11.19 5.28
CA ARG A 13 12.16 11.75 5.82
C ARG A 13 12.44 12.98 6.69
N ASP A 14 13.57 13.01 7.35
CA ASP A 14 13.86 14.01 8.38
C ASP A 14 14.63 15.21 7.85
N THR A 15 14.72 15.37 6.52
CA THR A 15 15.49 16.44 5.92
C THR A 15 14.56 17.38 5.17
N ASN A 16 15.15 18.47 4.66
CA ASN A 16 14.43 19.42 3.82
C ASN A 16 13.93 18.79 2.52
N LEU A 17 14.43 17.61 2.15
CA LEU A 17 13.87 16.96 0.98
C LEU A 17 12.37 16.69 1.15
N PHE A 18 11.88 16.60 2.38
CA PHE A 18 10.46 16.39 2.64
C PHE A 18 9.81 17.57 3.33
N GLU A 19 10.28 18.73 3.02
CA GLU A 19 9.61 19.95 3.38
C GLU A 19 9.00 20.59 2.14
N PRO A 20 7.78 21.11 2.24
CA PRO A 20 7.15 21.72 1.07
C PRO A 20 7.89 22.97 0.63
N ILE A 21 7.68 23.34 -0.64
CA ILE A 21 8.27 24.55 -1.20
C ILE A 21 7.40 25.00 -2.37
N LYS A 22 7.30 26.32 -2.53
CA LYS A 22 6.58 26.89 -3.68
C LYS A 22 7.53 27.03 -4.87
N ILE A 23 7.12 26.52 -6.04
CA ILE A 23 7.89 26.64 -7.28
C ILE A 23 6.95 27.22 -8.33
N GLY A 24 7.12 28.51 -8.61
CA GLY A 24 6.19 29.18 -9.51
C GLY A 24 4.79 29.24 -8.91
N ASN A 25 3.78 28.87 -9.71
CA ASN A 25 2.40 28.72 -9.26
C ASN A 25 2.13 27.43 -8.49
N THR A 26 3.10 26.51 -8.39
CA THR A 26 2.83 25.20 -7.80
C THR A 26 3.28 25.18 -6.35
N GLN A 27 2.73 24.23 -5.62
CA GLN A 27 2.99 24.07 -4.20
C GLN A 27 3.44 22.63 -3.97
N LEU A 28 4.74 22.42 -3.83
CA LEU A 28 5.26 21.06 -3.76
C LEU A 28 5.20 20.58 -2.32
N ALA A 29 5.04 19.26 -2.19
CA ALA A 29 5.05 18.63 -0.88
C ALA A 29 6.44 18.19 -0.47
N HIS A 30 7.34 18.07 -1.43
CA HIS A 30 8.68 17.56 -1.20
C HIS A 30 9.54 17.97 -2.39
N ARG A 31 10.85 17.77 -2.26
CA ARG A 31 11.78 18.40 -3.18
C ARG A 31 12.51 17.39 -4.05
N ALA A 32 11.98 16.17 -4.13
CA ALA A 32 12.46 15.17 -5.08
C ALA A 32 11.73 15.36 -6.41
N VAL A 33 12.47 15.77 -7.41
CA VAL A 33 11.94 16.19 -8.70
C VAL A 33 12.32 15.12 -9.71
N MET A 34 11.36 14.74 -10.59
CA MET A 34 11.65 13.95 -11.78
C MET A 34 12.12 14.93 -12.84
N PRO A 35 13.39 14.81 -13.24
CA PRO A 35 13.94 15.66 -14.28
C PRO A 35 13.61 15.13 -15.67
N PRO A 36 13.88 15.92 -16.70
CA PRO A 36 13.55 15.50 -18.07
C PRO A 36 14.30 14.25 -18.46
N LEU A 37 13.56 13.28 -19.02
CA LEU A 37 14.10 12.00 -19.42
C LEU A 37 13.55 11.58 -20.79
N THR A 38 14.39 11.64 -21.81
CA THR A 38 14.02 11.21 -23.16
C THR A 38 13.86 9.68 -23.15
N ARG A 39 12.68 9.20 -23.59
CA ARG A 39 12.38 7.78 -23.61
C ARG A 39 11.97 7.26 -24.99
N MET A 40 11.75 8.14 -25.97
N MET A 40 11.69 8.13 -25.95
CA MET A 40 11.51 7.74 -27.37
CA MET A 40 11.51 7.74 -27.34
C MET A 40 10.29 6.83 -27.54
C MET A 40 10.29 6.82 -27.54
N ARG A 41 9.22 7.06 -26.78
CA ARG A 41 7.97 6.34 -27.03
C ARG A 41 7.01 7.11 -27.91
N ALA A 42 7.41 8.23 -28.46
CA ALA A 42 6.48 8.99 -29.29
C ALA A 42 6.44 8.40 -30.69
N THR A 43 5.31 8.56 -31.37
CA THR A 43 5.11 7.82 -32.61
C THR A 43 5.32 8.72 -33.82
N HIS A 44 5.78 8.08 -34.88
CA HIS A 44 6.12 8.68 -36.15
C HIS A 44 5.06 8.16 -37.17
N PRO A 45 4.52 9.02 -38.04
CA PRO A 45 4.89 10.41 -38.26
C PRO A 45 4.27 11.38 -37.27
N GLY A 46 4.84 12.58 -37.16
CA GLY A 46 4.23 13.66 -36.43
C GLY A 46 4.66 13.86 -34.98
N ASN A 47 5.61 13.06 -34.48
CA ASN A 47 6.17 13.21 -33.13
C ASN A 47 5.05 13.30 -32.08
N ILE A 48 4.16 12.32 -32.11
CA ILE A 48 2.97 12.29 -31.25
C ILE A 48 3.27 11.55 -29.94
N PRO A 49 2.96 12.13 -28.77
CA PRO A 49 3.17 11.40 -27.52
C PRO A 49 2.43 10.05 -27.54
N ASN A 50 3.04 9.05 -26.90
CA ASN A 50 2.49 7.70 -26.89
C ASN A 50 1.11 7.68 -26.23
N LYS A 51 0.12 7.21 -26.98
CA LYS A 51 -1.26 7.23 -26.51
C LYS A 51 -1.60 6.07 -25.57
N GLU A 52 -0.81 4.99 -25.60
CA GLU A 52 -1.02 3.84 -24.70
C GLU A 52 -0.36 4.05 -23.34
N TRP A 53 0.90 4.47 -23.33
CA TRP A 53 1.76 4.25 -22.18
C TRP A 53 2.29 5.50 -21.50
N ALA A 54 2.39 6.64 -22.18
CA ALA A 54 3.05 7.80 -21.58
C ALA A 54 2.24 8.37 -20.39
N ALA A 55 0.92 8.52 -20.53
CA ALA A 55 0.15 9.01 -19.40
C ALA A 55 0.22 8.05 -18.22
N VAL A 56 0.34 6.74 -18.49
CA VAL A 56 0.54 5.75 -17.42
C VAL A 56 1.90 5.92 -16.77
N TYR A 57 2.95 6.04 -17.59
CA TYR A 57 4.30 6.23 -17.09
C TYR A 57 4.41 7.47 -16.20
N TYR A 58 3.93 8.61 -16.69
CA TYR A 58 3.99 9.83 -15.90
C TYR A 58 3.12 9.73 -14.67
N GLY A 59 1.92 9.18 -14.81
CA GLY A 59 1.04 9.05 -13.67
C GLY A 59 1.64 8.19 -12.58
N GLN A 60 2.29 7.08 -12.97
CA GLN A 60 2.97 6.23 -11.99
C GLN A 60 3.97 7.05 -11.18
N ARG A 61 4.72 7.92 -11.86
CA ARG A 61 5.80 8.61 -11.19
C ARG A 61 5.33 9.87 -10.50
N ALA A 62 4.08 10.28 -10.75
CA ALA A 62 3.43 11.38 -10.06
C ALA A 62 2.68 10.94 -8.79
N GLN A 63 2.76 9.66 -8.43
CA GLN A 63 1.85 9.07 -7.46
C GLN A 63 1.91 9.74 -6.09
N ARG A 64 3.07 10.24 -5.70
CA ARG A 64 3.12 10.94 -4.42
C ARG A 64 2.59 12.37 -4.61
N PRO A 65 1.53 12.76 -3.92
CA PRO A 65 0.98 14.10 -4.16
C PRO A 65 2.04 15.16 -3.92
N GLY A 66 2.03 16.18 -4.76
CA GLY A 66 2.93 17.30 -4.58
C GLY A 66 4.29 17.07 -5.20
N THR A 67 4.37 16.17 -6.18
CA THR A 67 5.60 15.88 -6.91
C THR A 67 5.71 16.79 -8.13
N MET A 68 6.91 17.34 -8.35
CA MET A 68 7.21 18.11 -9.54
C MET A 68 7.79 17.18 -10.60
N ILE A 69 7.14 17.12 -11.76
CA ILE A 69 7.58 16.33 -12.90
C ILE A 69 7.92 17.28 -14.05
N ILE A 70 9.09 17.08 -14.63
CA ILE A 70 9.52 17.76 -15.85
C ILE A 70 9.57 16.70 -16.93
N THR A 71 8.84 16.94 -18.03
CA THR A 71 8.76 16.01 -19.13
C THR A 71 10.10 15.84 -19.83
N GLU A 72 10.20 14.73 -20.53
CA GLU A 72 11.18 14.50 -21.58
C GLU A 72 11.31 15.73 -22.47
N GLY A 73 12.48 15.93 -23.05
CA GLY A 73 12.61 16.95 -24.07
C GLY A 73 11.53 16.86 -25.13
N THR A 74 10.90 18.01 -25.40
CA THR A 74 9.79 18.12 -26.32
C THR A 74 10.11 19.18 -27.36
N PHE A 75 10.06 18.79 -28.63
CA PHE A 75 10.43 19.71 -29.71
C PHE A 75 9.44 20.85 -29.85
N ILE A 76 9.96 22.06 -30.07
CA ILE A 76 9.11 23.25 -30.24
C ILE A 76 8.59 23.43 -31.66
N SER A 77 9.10 22.67 -32.61
CA SER A 77 8.76 22.91 -34.01
C SER A 77 9.47 21.81 -34.78
N PRO A 78 9.03 21.47 -36.00
CA PRO A 78 9.80 20.50 -36.80
C PRO A 78 11.29 20.82 -36.97
N GLN A 79 11.61 22.05 -37.36
CA GLN A 79 13.01 22.42 -37.59
C GLN A 79 13.87 22.21 -36.33
N ALA A 80 13.26 22.31 -35.13
CA ALA A 80 13.98 22.12 -33.87
C ALA A 80 14.27 20.66 -33.55
N GLY A 81 13.73 19.70 -34.33
CA GLY A 81 13.81 18.29 -34.00
C GLY A 81 14.76 17.49 -34.87
N GLY A 82 14.39 16.24 -35.23
CA GLY A 82 15.24 15.36 -36.02
C GLY A 82 15.28 13.95 -35.47
N TYR A 83 14.62 13.74 -34.33
CA TYR A 83 14.44 12.41 -33.75
C TYR A 83 12.98 11.99 -33.91
N ASP A 84 12.74 10.92 -34.68
CA ASP A 84 11.36 10.59 -35.05
C ASP A 84 10.51 10.18 -33.86
N ASN A 85 11.11 9.65 -32.79
CA ASN A 85 10.35 9.09 -31.68
C ASN A 85 10.42 9.94 -30.40
N ALA A 86 10.85 11.18 -30.51
CA ALA A 86 10.65 12.08 -29.40
C ALA A 86 9.43 12.97 -29.67
N PRO A 87 8.72 13.42 -28.65
CA PRO A 87 7.50 14.19 -28.87
C PRO A 87 7.76 15.65 -29.23
N GLY A 88 6.80 16.23 -29.94
CA GLY A 88 6.70 17.66 -30.12
C GLY A 88 5.48 18.22 -29.42
N ILE A 89 5.38 19.56 -29.38
CA ILE A 89 4.17 20.22 -28.88
C ILE A 89 3.84 21.45 -29.73
N TRP A 90 4.10 21.37 -31.05
CA TRP A 90 3.69 22.44 -31.94
C TRP A 90 2.31 22.21 -32.59
N SER A 91 1.77 20.99 -32.56
CA SER A 91 0.62 20.61 -33.37
C SER A 91 -0.58 20.23 -32.52
N ASP A 92 -1.75 20.32 -33.15
CA ASP A 92 -2.99 20.00 -32.44
C ASP A 92 -3.02 18.55 -31.98
N GLU A 93 -2.55 17.64 -32.83
CA GLU A 93 -2.60 16.22 -32.47
C GLU A 93 -1.65 15.92 -31.33
N GLN A 94 -0.47 16.56 -31.31
CA GLN A 94 0.44 16.41 -30.17
C GLN A 94 -0.22 16.90 -28.89
N VAL A 95 -0.81 18.11 -28.94
CA VAL A 95 -1.42 18.72 -27.75
C VAL A 95 -2.57 17.85 -27.25
N ALA A 96 -3.29 17.19 -28.16
CA ALA A 96 -4.37 16.31 -27.77
C ALA A 96 -3.88 15.24 -26.78
N GLU A 97 -2.72 14.64 -27.05
CA GLU A 97 -2.29 13.62 -26.11
C GLU A 97 -1.63 14.21 -24.86
N TRP A 98 -0.90 15.32 -25.01
CA TRP A 98 -0.32 15.97 -23.85
C TRP A 98 -1.38 16.34 -22.80
N LYS A 99 -2.60 16.72 -23.24
CA LYS A 99 -3.64 17.05 -22.27
C LYS A 99 -3.94 15.85 -21.39
N ASN A 100 -3.90 14.66 -21.99
CA ASN A 100 -4.20 13.45 -21.21
C ASN A 100 -3.07 13.11 -20.27
N ILE A 101 -1.83 13.38 -20.68
CA ILE A 101 -0.69 13.16 -19.79
C ILE A 101 -0.73 14.12 -18.62
N PHE A 102 -0.97 15.37 -18.90
CA PHE A 102 -1.06 16.36 -17.83
C PHE A 102 -2.24 16.03 -16.91
N LEU A 103 -3.34 15.52 -17.47
CA LEU A 103 -4.46 15.15 -16.62
C LEU A 103 -4.09 14.00 -15.69
N ALA A 104 -3.28 13.07 -16.17
CA ALA A 104 -2.83 11.95 -15.34
C ALA A 104 -1.95 12.41 -14.18
N ILE A 105 -1.10 13.39 -14.43
CA ILE A 105 -0.26 13.94 -13.37
C ILE A 105 -1.08 14.79 -12.40
N HIS A 106 -2.00 15.59 -12.91
CA HIS A 106 -2.84 16.40 -12.03
C HIS A 106 -3.79 15.55 -11.21
N ASP A 107 -4.27 14.42 -11.77
CA ASP A 107 -5.10 13.49 -11.01
C ASP A 107 -4.37 12.97 -9.77
N CYS A 108 -3.04 12.93 -9.79
CA CYS A 108 -2.25 12.58 -8.62
C CYS A 108 -1.89 13.78 -7.74
N GLN A 109 -2.44 14.96 -8.03
CA GLN A 109 -2.13 16.21 -7.33
C GLN A 109 -0.64 16.55 -7.40
N SER A 110 -0.03 16.24 -8.53
CA SER A 110 1.34 16.60 -8.84
C SER A 110 1.35 17.62 -9.99
N PHE A 111 2.54 18.03 -10.40
CA PHE A 111 2.67 19.12 -11.35
C PHE A 111 3.55 18.74 -12.54
N ALA A 112 3.29 19.39 -13.66
CA ALA A 112 3.93 19.03 -14.93
C ALA A 112 4.54 20.25 -15.61
N TRP A 113 5.82 20.15 -15.94
CA TRP A 113 6.58 21.19 -16.64
C TRP A 113 7.14 20.61 -17.94
N VAL A 114 6.81 21.25 -19.07
CA VAL A 114 7.27 20.79 -20.37
C VAL A 114 8.65 21.36 -20.62
N GLN A 115 9.65 20.49 -20.77
CA GLN A 115 10.95 20.93 -21.26
C GLN A 115 10.92 21.14 -22.77
N LEU A 116 11.12 22.40 -23.17
CA LEU A 116 11.13 22.83 -24.56
C LEU A 116 12.52 22.62 -25.16
N TRP A 117 12.58 21.93 -26.30
CA TRP A 117 13.82 21.35 -26.81
C TRP A 117 14.07 21.78 -28.24
N SER A 118 15.33 22.11 -28.52
CA SER A 118 15.84 22.31 -29.87
C SER A 118 17.24 21.68 -29.96
N LEU A 119 17.51 20.96 -31.06
CA LEU A 119 18.66 20.06 -31.09
C LEU A 119 19.94 20.67 -31.63
N GLY A 120 19.86 21.57 -32.61
CA GLY A 120 21.06 22.06 -33.21
C GLY A 120 21.93 20.92 -33.74
N TRP A 121 23.23 20.99 -33.49
CA TRP A 121 24.11 20.05 -34.18
C TRP A 121 23.95 18.62 -33.66
N ALA A 122 23.17 18.40 -32.64
CA ALA A 122 22.92 17.04 -32.16
C ALA A 122 21.88 16.30 -32.99
N SER A 123 21.32 16.93 -34.01
CA SER A 123 20.24 16.31 -34.76
C SER A 123 20.81 15.38 -35.85
N PHE A 124 19.91 14.68 -36.56
CA PHE A 124 20.30 13.81 -37.64
C PHE A 124 20.16 14.51 -38.99
N PRO A 125 21.27 14.88 -39.66
CA PRO A 125 21.16 15.63 -40.92
C PRO A 125 20.34 14.92 -41.98
N ASP A 126 20.40 13.59 -42.01
CA ASP A 126 19.69 12.84 -43.02
C ASP A 126 18.19 12.79 -42.76
N VAL A 127 17.79 12.66 -41.49
CA VAL A 127 16.38 12.75 -41.14
C VAL A 127 15.85 14.15 -41.44
N LEU A 128 16.60 15.17 -41.02
CA LEU A 128 16.23 16.53 -41.36
C LEU A 128 16.05 16.73 -42.86
N ALA A 129 16.96 16.16 -43.65
CA ALA A 129 16.90 16.31 -45.11
C ALA A 129 15.67 15.65 -45.69
N ARG A 130 15.38 14.41 -45.26
CA ARG A 130 14.12 13.76 -45.61
C ARG A 130 12.94 14.71 -45.51
N ASP A 131 12.92 15.56 -44.47
CA ASP A 131 11.78 16.39 -44.17
C ASP A 131 11.93 17.78 -44.75
N GLY A 132 12.95 18.00 -45.58
CA GLY A 132 13.23 19.31 -46.12
C GLY A 132 13.68 20.31 -45.08
N LEU A 133 14.44 19.86 -44.08
CA LEU A 133 14.81 20.71 -42.97
C LEU A 133 16.34 20.91 -42.93
N ARG A 134 16.75 22.06 -42.40
CA ARG A 134 18.16 22.40 -42.26
C ARG A 134 18.82 21.64 -41.11
N TYR A 135 20.13 21.47 -41.23
CA TYR A 135 20.96 20.97 -40.13
C TYR A 135 21.58 22.20 -39.48
N ASP A 136 21.05 22.57 -38.31
CA ASP A 136 21.31 23.88 -37.72
C ASP A 136 22.43 23.85 -36.66
N CYS A 137 23.16 24.96 -36.56
CA CYS A 137 24.23 25.08 -35.56
C CYS A 137 24.53 26.55 -35.33
N ALA A 138 25.38 26.81 -34.34
CA ALA A 138 25.87 28.17 -34.12
C ALA A 138 26.83 28.60 -35.22
N SER A 139 27.80 27.74 -35.55
CA SER A 139 28.85 28.05 -36.52
C SER A 139 29.15 26.81 -37.36
N ASP A 140 29.02 26.91 -38.67
CA ASP A 140 29.26 25.73 -39.52
C ASP A 140 30.73 25.39 -39.71
N ARG A 141 31.65 26.08 -39.05
CA ARG A 141 33.06 25.74 -39.10
C ARG A 141 33.47 24.75 -38.01
N VAL A 142 32.51 24.25 -37.22
CA VAL A 142 32.76 23.22 -36.21
C VAL A 142 31.65 22.18 -36.33
N TYR A 143 32.03 20.91 -36.30
CA TYR A 143 31.08 19.82 -36.22
C TYR A 143 31.34 19.08 -34.93
N MET A 144 30.33 18.32 -34.50
N MET A 144 30.34 18.29 -34.51
CA MET A 144 30.46 17.52 -33.29
CA MET A 144 30.46 17.55 -33.26
C MET A 144 31.61 16.54 -33.40
C MET A 144 31.48 16.41 -33.36
N ASN A 145 31.75 15.93 -34.56
CA ASN A 145 32.75 14.90 -34.82
C ASN A 145 32.73 14.66 -36.33
N ALA A 146 33.75 13.94 -36.80
CA ALA A 146 33.89 13.72 -38.22
C ALA A 146 32.84 12.78 -38.76
N THR A 147 32.25 11.94 -37.91
CA THR A 147 31.15 11.08 -38.34
C THR A 147 29.93 11.91 -38.73
N LEU A 148 29.51 12.82 -37.86
CA LEU A 148 28.34 13.64 -38.20
C LEU A 148 28.67 14.57 -39.34
N GLN A 149 29.94 14.90 -39.49
CA GLN A 149 30.36 15.66 -40.66
C GLN A 149 30.16 14.85 -41.94
N GLU A 150 30.53 13.57 -41.89
CA GLU A 150 30.36 12.69 -43.06
C GLU A 150 28.89 12.51 -43.39
N LYS A 151 28.09 12.15 -42.39
CA LYS A 151 26.66 11.98 -42.61
C LYS A 151 26.03 13.28 -43.09
N ALA A 152 26.50 14.43 -42.60
CA ALA A 152 26.00 15.70 -43.09
C ALA A 152 26.27 15.85 -44.59
N LYS A 153 27.51 15.62 -45.02
CA LYS A 153 27.81 15.70 -46.44
C LYS A 153 27.10 14.61 -47.24
N ASP A 154 27.00 13.40 -46.69
CA ASP A 154 26.32 12.31 -47.38
C ASP A 154 24.85 12.62 -47.65
N ALA A 155 24.20 13.34 -46.75
CA ALA A 155 22.81 13.72 -46.95
C ALA A 155 22.66 14.99 -47.74
N ASN A 156 23.76 15.57 -48.21
CA ASN A 156 23.72 16.88 -48.83
C ASN A 156 22.98 17.89 -47.94
N ASN A 157 23.26 17.84 -46.61
CA ASN A 157 22.61 18.74 -45.65
C ASN A 157 23.71 19.20 -44.68
N LEU A 158 24.64 20.00 -45.20
CA LEU A 158 25.75 20.47 -44.39
C LEU A 158 25.24 21.41 -43.30
N GLU A 159 26.07 21.59 -42.27
CA GLU A 159 25.71 22.50 -41.19
C GLU A 159 25.36 23.87 -41.76
N HIS A 160 24.36 24.48 -41.15
CA HIS A 160 23.84 25.78 -41.50
C HIS A 160 24.02 26.66 -40.27
N SER A 161 24.92 27.64 -40.35
CA SER A 161 25.04 28.63 -39.28
C SER A 161 23.74 29.43 -39.26
N LEU A 162 23.08 29.48 -38.12
CA LEU A 162 21.84 30.21 -38.01
C LEU A 162 22.04 31.65 -38.45
N THR A 163 21.12 32.15 -39.29
CA THR A 163 20.98 33.57 -39.51
C THR A 163 20.20 34.21 -38.37
N LYS A 164 20.22 35.54 -38.35
CA LYS A 164 19.44 36.32 -37.40
C LYS A 164 17.95 36.06 -37.59
N ASP A 165 17.50 35.95 -38.84
CA ASP A 165 16.11 35.58 -39.10
C ASP A 165 15.81 34.18 -38.59
N ASP A 166 16.74 33.22 -38.78
CA ASP A 166 16.55 31.87 -38.23
C ASP A 166 16.34 31.94 -36.73
N ILE A 167 17.20 32.70 -36.04
CA ILE A 167 17.08 32.80 -34.59
C ILE A 167 15.71 33.33 -34.22
N LYS A 168 15.24 34.36 -34.92
CA LYS A 168 13.94 34.95 -34.62
C LYS A 168 12.83 33.93 -34.77
N GLN A 169 12.94 33.05 -35.77
CA GLN A 169 11.97 31.98 -35.95
C GLN A 169 12.00 30.96 -34.82
N TYR A 170 13.20 30.57 -34.34
CA TYR A 170 13.24 29.74 -33.13
C TYR A 170 12.54 30.43 -31.95
N ILE A 171 12.76 31.74 -31.78
CA ILE A 171 12.13 32.41 -30.66
C ILE A 171 10.60 32.34 -30.80
N LYS A 172 10.10 32.54 -32.03
CA LYS A 172 8.66 32.43 -32.25
C LYS A 172 8.18 31.02 -31.92
N ASP A 173 8.94 30.00 -32.35
CA ASP A 173 8.55 28.62 -32.06
C ASP A 173 8.57 28.32 -30.57
N TYR A 174 9.50 28.90 -29.81
CA TYR A 174 9.45 28.69 -28.37
C TYR A 174 8.17 29.26 -27.79
N ILE A 175 7.86 30.51 -28.14
CA ILE A 175 6.61 31.16 -27.71
C ILE A 175 5.41 30.29 -28.05
N HIS A 176 5.36 29.81 -29.29
CA HIS A 176 4.25 28.97 -29.76
C HIS A 176 4.14 27.70 -28.91
N ALA A 177 5.26 27.05 -28.70
CA ALA A 177 5.28 25.79 -27.97
C ALA A 177 4.99 26.03 -26.50
N ALA A 178 5.52 27.11 -25.93
CA ALA A 178 5.16 27.48 -24.56
C ALA A 178 3.65 27.76 -24.41
N LYS A 179 3.07 28.50 -25.35
CA LYS A 179 1.63 28.78 -25.27
C LYS A 179 0.82 27.49 -25.40
N ASN A 180 1.24 26.59 -26.29
CA ASN A 180 0.52 25.32 -26.41
C ASN A 180 0.65 24.49 -25.14
N SER A 181 1.84 24.50 -24.52
CA SER A 181 2.05 23.77 -23.29
C SER A 181 1.08 24.24 -22.21
N ILE A 182 0.96 25.56 -22.04
CA ILE A 182 0.13 26.13 -20.98
C ILE A 182 -1.37 25.96 -21.26
N ALA A 183 -1.78 26.12 -22.51
CA ALA A 183 -3.17 25.87 -22.88
C ALA A 183 -3.56 24.40 -22.73
N ALA A 184 -2.60 23.49 -22.92
CA ALA A 184 -2.84 22.07 -22.73
C ALA A 184 -2.99 21.69 -21.26
N GLY A 185 -2.54 22.56 -20.35
CA GLY A 185 -2.64 22.28 -18.95
C GLY A 185 -1.32 22.18 -18.22
N ALA A 186 -0.17 22.37 -18.86
CA ALA A 186 1.08 22.29 -18.12
C ALA A 186 1.16 23.43 -17.10
N ASP A 187 1.79 23.14 -15.96
CA ASP A 187 1.98 24.18 -14.93
C ASP A 187 3.12 25.15 -15.26
N GLY A 188 3.98 24.81 -16.20
CA GLY A 188 5.07 25.67 -16.65
C GLY A 188 5.88 24.95 -17.71
N VAL A 189 6.96 25.62 -18.13
CA VAL A 189 7.92 25.08 -19.09
C VAL A 189 9.33 25.24 -18.56
N GLU A 190 10.24 24.37 -19.02
CA GLU A 190 11.67 24.52 -18.76
C GLU A 190 12.38 24.69 -20.10
N ILE A 191 13.07 25.81 -20.25
CA ILE A 191 13.94 26.02 -21.40
C ILE A 191 15.18 25.18 -21.25
N HIS A 192 15.35 24.23 -22.17
CA HIS A 192 16.54 23.41 -22.21
C HIS A 192 17.68 24.22 -22.81
N SER A 193 18.63 24.60 -21.99
CA SER A 193 19.81 25.29 -22.48
C SER A 193 21.06 24.55 -22.05
N ALA A 194 20.94 23.23 -21.89
CA ALA A 194 21.96 22.38 -21.32
C ALA A 194 22.30 21.20 -22.24
N ASN A 195 23.23 20.38 -21.75
CA ASN A 195 23.60 19.09 -22.33
C ASN A 195 23.98 19.16 -23.83
N GLY A 196 24.49 20.31 -24.26
CA GLY A 196 25.02 20.49 -25.60
C GLY A 196 24.01 20.53 -26.73
N TYR A 197 22.76 20.87 -26.44
CA TYR A 197 21.77 21.08 -27.49
C TYR A 197 21.87 22.53 -27.97
N LEU A 198 20.90 22.98 -28.79
CA LEU A 198 21.11 24.18 -29.60
C LEU A 198 21.48 25.40 -28.73
N LEU A 199 20.71 25.67 -27.69
CA LEU A 199 20.99 26.87 -26.88
C LEU A 199 22.35 26.75 -26.19
N ASN A 200 22.71 25.55 -25.74
CA ASN A 200 24.03 25.33 -25.13
C ASN A 200 25.14 25.53 -26.15
N GLN A 201 24.88 25.14 -27.40
CA GLN A 201 25.84 25.35 -28.48
C GLN A 201 26.14 26.84 -28.67
N PHE A 202 25.16 27.70 -28.43
CA PHE A 202 25.44 29.13 -28.52
C PHE A 202 26.20 29.65 -27.30
N LEU A 203 25.96 29.05 -26.13
CA LEU A 203 26.66 29.48 -24.91
C LEU A 203 28.13 29.09 -24.93
N ASP A 204 28.47 27.99 -25.56
CA ASP A 204 29.78 27.38 -25.35
C ASP A 204 30.78 27.89 -26.40
N PRO A 205 32.00 28.26 -25.99
CA PRO A 205 32.96 28.85 -26.96
C PRO A 205 33.56 27.83 -27.91
N HIS A 206 33.39 26.54 -27.66
CA HIS A 206 33.87 25.56 -28.61
C HIS A 206 32.95 25.49 -29.84
N SER A 207 31.65 25.38 -29.62
CA SER A 207 30.69 25.37 -30.72
C SER A 207 30.42 26.73 -31.32
N ASN A 208 30.52 27.81 -30.53
CA ASN A 208 30.11 29.13 -30.99
C ASN A 208 31.37 29.88 -31.39
N LYS A 209 31.62 29.98 -32.69
CA LYS A 209 32.70 30.79 -33.23
C LYS A 209 32.16 31.94 -34.07
N ARG A 210 30.94 32.38 -33.79
CA ARG A 210 30.33 33.45 -34.57
C ARG A 210 30.97 34.81 -34.26
N THR A 211 30.79 35.73 -35.20
CA THR A 211 31.33 37.08 -35.05
C THR A 211 30.26 38.16 -35.15
N ASP A 212 28.98 37.80 -35.13
CA ASP A 212 27.89 38.76 -35.07
C ASP A 212 27.50 38.94 -33.60
N GLU A 213 26.35 39.53 -33.33
CA GLU A 213 26.03 39.78 -31.94
C GLU A 213 25.68 38.52 -31.16
N TYR A 214 25.75 37.33 -31.76
CA TYR A 214 25.43 36.09 -31.05
C TYR A 214 26.66 35.27 -30.70
N GLY A 215 27.87 35.79 -30.93
CA GLY A 215 29.07 35.14 -30.45
C GLY A 215 30.21 36.11 -30.27
N GLY A 216 31.37 35.57 -29.86
CA GLY A 216 32.60 36.35 -29.74
C GLY A 216 32.90 36.87 -28.35
N THR A 217 31.88 37.05 -27.51
CA THR A 217 32.01 37.48 -26.13
C THR A 217 31.08 36.64 -25.25
N ILE A 218 31.27 36.79 -23.93
CA ILE A 218 30.39 36.14 -22.96
C ILE A 218 28.96 36.63 -23.17
N GLU A 219 28.80 37.95 -23.27
CA GLU A 219 27.50 38.56 -23.41
C GLU A 219 26.81 38.14 -24.70
N ASN A 220 27.58 38.05 -25.77
CA ASN A 220 27.01 37.69 -27.07
C ASN A 220 26.60 36.22 -27.09
N ARG A 221 27.42 35.35 -26.49
CA ARG A 221 27.10 33.92 -26.49
C ARG A 221 25.85 33.62 -25.65
N ALA A 222 25.57 34.45 -24.65
CA ALA A 222 24.39 34.31 -23.81
C ALA A 222 23.11 34.87 -24.43
N ARG A 223 23.22 35.58 -25.55
CA ARG A 223 22.11 36.38 -26.05
C ARG A 223 20.92 35.52 -26.49
N PHE A 224 21.18 34.41 -27.20
CA PHE A 224 20.08 33.57 -27.69
C PHE A 224 19.27 33.00 -26.52
N THR A 225 19.96 32.35 -25.59
CA THR A 225 19.28 31.86 -24.39
C THR A 225 18.49 32.95 -23.69
N LEU A 226 19.09 34.14 -23.46
CA LEU A 226 18.36 35.15 -22.70
C LEU A 226 17.19 35.74 -23.50
N GLU A 227 17.29 35.76 -24.83
CA GLU A 227 16.14 36.20 -25.63
C GLU A 227 14.97 35.22 -25.54
N VAL A 228 15.26 33.91 -25.48
CA VAL A 228 14.20 32.91 -25.28
C VAL A 228 13.57 33.11 -23.90
N VAL A 229 14.41 33.26 -22.86
CA VAL A 229 13.91 33.56 -21.52
C VAL A 229 12.98 34.75 -21.55
N ASP A 230 13.43 35.85 -22.14
CA ASP A 230 12.63 37.08 -22.10
C ASP A 230 11.33 36.90 -22.88
N ALA A 231 11.38 36.22 -24.02
CA ALA A 231 10.17 36.02 -24.81
C ALA A 231 9.12 35.26 -24.01
N LEU A 232 9.55 34.27 -23.22
CA LEU A 232 8.60 33.45 -22.47
C LEU A 232 8.15 34.14 -21.19
N ILE A 233 9.06 34.80 -20.48
CA ILE A 233 8.65 35.70 -19.39
C ILE A 233 7.49 36.57 -19.85
N GLU A 234 7.61 37.16 -21.03
CA GLU A 234 6.57 38.11 -21.41
C GLU A 234 5.31 37.47 -21.96
N THR A 235 5.33 36.21 -22.37
CA THR A 235 4.10 35.61 -22.91
C THR A 235 3.37 34.73 -21.90
N ILE A 236 4.05 33.91 -21.10
CA ILE A 236 3.38 33.09 -20.09
C ILE A 236 3.72 33.47 -18.65
N GLY A 237 4.66 34.40 -18.42
CA GLY A 237 4.96 34.87 -17.08
C GLY A 237 6.17 34.19 -16.49
N PRO A 238 6.95 34.91 -15.67
CA PRO A 238 8.23 34.33 -15.18
C PRO A 238 8.02 33.17 -14.24
N GLU A 239 6.94 33.17 -13.45
CA GLU A 239 6.66 32.04 -12.56
C GLU A 239 6.28 30.73 -13.30
N ARG A 240 6.06 30.79 -14.61
CA ARG A 240 5.80 29.59 -15.41
C ARG A 240 7.02 29.15 -16.24
N VAL A 241 8.21 29.68 -15.95
CA VAL A 241 9.41 29.45 -16.74
C VAL A 241 10.60 29.07 -15.84
N GLY A 242 11.24 27.95 -16.12
CA GLY A 242 12.54 27.63 -15.56
C GLY A 242 13.59 27.47 -16.66
N LEU A 243 14.86 27.42 -16.25
CA LEU A 243 15.95 27.27 -17.21
C LEU A 243 16.93 26.18 -16.78
N ARG A 244 17.30 25.30 -17.71
CA ARG A 244 18.24 24.22 -17.40
C ARG A 244 19.59 24.52 -18.02
N LEU A 245 20.64 24.34 -17.21
CA LEU A 245 22.03 24.62 -17.55
C LEU A 245 22.92 23.50 -17.03
N SER A 246 24.02 23.22 -17.75
CA SER A 246 24.99 22.18 -17.38
C SER A 246 26.41 22.74 -17.50
N PRO A 247 26.85 23.53 -16.53
CA PRO A 247 28.14 24.22 -16.69
C PRO A 247 29.32 23.31 -16.96
N TYR A 248 29.39 22.15 -16.32
CA TYR A 248 30.53 21.26 -16.42
C TYR A 248 30.33 20.11 -17.43
N GLY A 249 29.26 20.12 -18.20
CA GLY A 249 28.97 19.03 -19.10
C GLY A 249 29.90 19.01 -20.31
N THR A 250 30.24 17.81 -20.74
CA THR A 250 30.96 17.63 -21.98
C THR A 250 30.13 16.87 -23.00
N PHE A 251 28.97 16.34 -22.60
CA PHE A 251 28.07 15.65 -23.54
C PHE A 251 27.75 16.57 -24.70
N ASN A 252 27.76 15.98 -25.90
CA ASN A 252 27.46 16.63 -27.16
C ASN A 252 28.52 17.66 -27.55
N SER A 253 29.74 17.44 -27.07
CA SER A 253 30.94 18.18 -27.49
C SER A 253 31.01 19.57 -26.89
N MET A 254 30.52 19.74 -25.67
CA MET A 254 30.66 20.99 -24.94
C MET A 254 31.98 21.02 -24.20
N SER A 255 32.36 22.22 -23.73
CA SER A 255 33.70 22.48 -23.20
C SER A 255 33.86 21.88 -21.82
N GLY A 256 32.87 22.08 -20.94
CA GLY A 256 33.05 21.69 -19.56
C GLY A 256 34.18 22.45 -18.87
N GLY A 257 34.52 21.95 -17.68
CA GLY A 257 35.47 22.66 -16.80
C GLY A 257 36.86 22.80 -17.40
N ALA A 258 37.16 22.08 -18.48
CA ALA A 258 38.46 22.24 -19.11
C ALA A 258 38.63 23.63 -19.73
N GLU A 259 37.53 24.33 -19.97
CA GLU A 259 37.56 25.70 -20.44
C GLU A 259 37.58 26.61 -19.21
N PRO A 260 38.70 27.25 -18.87
CA PRO A 260 38.73 28.06 -17.63
C PRO A 260 37.77 29.24 -17.66
N GLY A 261 37.31 29.66 -18.82
CA GLY A 261 36.31 30.71 -18.92
C GLY A 261 34.87 30.26 -18.77
N ILE A 262 34.63 28.99 -18.45
CA ILE A 262 33.25 28.48 -18.50
C ILE A 262 32.44 28.97 -17.30
N ILE A 263 33.05 29.15 -16.12
CA ILE A 263 32.27 29.66 -15.01
C ILE A 263 31.85 31.12 -15.25
N ALA A 264 32.68 31.92 -15.91
CA ALA A 264 32.29 33.29 -16.22
C ALA A 264 31.08 33.32 -17.16
N GLN A 265 31.04 32.38 -18.10
CA GLN A 265 29.95 32.32 -19.06
C GLN A 265 28.63 32.06 -18.36
N TYR A 266 28.59 31.07 -17.47
CA TYR A 266 27.38 30.73 -16.75
C TYR A 266 27.07 31.73 -15.65
N SER A 267 28.09 32.31 -15.01
CA SER A 267 27.88 33.38 -14.04
C SER A 267 27.19 34.60 -14.67
N TYR A 268 27.52 34.88 -15.93
CA TYR A 268 26.86 35.99 -16.61
C TYR A 268 25.37 35.69 -16.83
N VAL A 269 25.02 34.46 -17.25
CA VAL A 269 23.62 34.11 -17.47
C VAL A 269 22.84 34.23 -16.18
N LEU A 270 23.41 33.69 -15.10
CA LEU A 270 22.73 33.69 -13.81
C LEU A 270 22.60 35.11 -13.28
N GLY A 271 23.64 35.93 -13.48
CA GLY A 271 23.54 37.33 -13.07
C GLY A 271 22.43 38.05 -13.80
N GLU A 272 22.27 37.76 -15.10
CA GLU A 272 21.22 38.37 -15.89
C GLU A 272 19.84 37.89 -15.43
N LEU A 273 19.74 36.62 -15.02
CA LEU A 273 18.49 36.16 -14.44
C LEU A 273 18.18 36.88 -13.14
N GLU A 274 19.21 37.11 -12.30
CA GLU A 274 18.94 37.75 -11.00
C GLU A 274 18.58 39.21 -11.17
N LYS A 275 19.22 39.90 -12.13
CA LYS A 275 18.81 41.25 -12.48
C LYS A 275 17.34 41.33 -12.84
N ARG A 276 16.86 40.39 -13.67
CA ARG A 276 15.44 40.36 -14.03
C ARG A 276 14.57 40.10 -12.80
N ALA A 277 15.01 39.21 -11.92
CA ALA A 277 14.26 38.96 -10.70
C ALA A 277 14.16 40.21 -9.85
N LYS A 278 15.27 40.97 -9.73
CA LYS A 278 15.25 42.18 -8.92
C LYS A 278 14.29 43.21 -9.49
N ALA A 279 14.05 43.18 -10.79
CA ALA A 279 13.06 44.04 -11.42
C ALA A 279 11.66 43.40 -11.46
N GLY A 280 11.41 42.37 -10.66
CA GLY A 280 10.10 41.79 -10.51
C GLY A 280 9.76 40.62 -11.38
N LYS A 281 10.73 40.06 -12.10
CA LYS A 281 10.51 38.98 -13.05
C LYS A 281 11.48 37.84 -12.71
N ARG A 282 11.20 37.15 -11.61
CA ARG A 282 12.02 36.02 -11.18
C ARG A 282 11.51 34.72 -11.81
N LEU A 283 12.37 34.05 -12.56
CA LEU A 283 12.04 32.70 -13.03
C LEU A 283 11.70 31.78 -11.86
N ALA A 284 10.84 30.80 -12.16
CA ALA A 284 10.43 29.85 -11.15
C ALA A 284 11.61 29.07 -10.55
N PHE A 285 12.62 28.77 -11.37
CA PHE A 285 13.78 27.98 -10.90
C PHE A 285 14.89 28.00 -11.93
N VAL A 286 16.07 27.64 -11.45
CA VAL A 286 17.20 27.27 -12.27
C VAL A 286 17.50 25.82 -11.96
N HIS A 287 17.73 25.04 -13.00
CA HIS A 287 17.93 23.59 -12.91
C HIS A 287 19.35 23.37 -13.39
N LEU A 288 20.24 22.95 -12.49
CA LEU A 288 21.62 22.70 -12.85
C LEU A 288 21.93 21.21 -12.87
N VAL A 289 22.59 20.76 -13.94
CA VAL A 289 23.23 19.46 -13.95
C VAL A 289 24.58 19.59 -13.25
N GLU A 290 24.89 18.63 -12.36
CA GLU A 290 26.07 18.62 -11.53
C GLU A 290 27.29 18.06 -12.24
N PRO A 291 28.49 18.51 -11.81
CA PRO A 291 29.73 17.89 -12.27
C PRO A 291 29.83 16.41 -11.87
N ARG A 292 28.94 15.95 -10.99
CA ARG A 292 28.81 14.54 -10.67
C ARG A 292 28.50 13.73 -11.92
N VAL A 293 27.84 14.34 -12.90
CA VAL A 293 27.49 13.68 -14.15
C VAL A 293 27.80 14.66 -15.30
N THR A 294 29.01 14.56 -15.88
CA THR A 294 29.32 15.35 -17.08
C THR A 294 28.76 14.75 -18.37
N ASP A 295 28.33 13.53 -18.32
CA ASP A 295 27.85 12.85 -19.51
C ASP A 295 26.87 11.79 -19.01
N PRO A 296 25.58 11.89 -19.33
CA PRO A 296 24.63 10.91 -18.79
C PRO A 296 24.64 9.56 -19.51
N SER A 297 25.44 9.41 -20.54
CA SER A 297 25.63 8.11 -21.20
C SER A 297 26.68 7.25 -20.48
N LEU A 298 27.26 7.76 -19.40
CA LEU A 298 28.22 7.03 -18.60
C LEU A 298 27.55 6.59 -17.31
N VAL A 299 27.93 5.41 -16.82
CA VAL A 299 27.33 4.92 -15.59
C VAL A 299 27.73 5.83 -14.43
N GLU A 300 26.88 5.79 -13.39
CA GLU A 300 27.11 6.53 -12.17
C GLU A 300 28.53 6.33 -11.67
N GLY A 301 29.19 7.43 -11.27
CA GLY A 301 30.57 7.41 -10.83
C GLY A 301 31.60 7.57 -11.94
N GLU A 302 31.21 7.40 -13.19
CA GLU A 302 32.09 7.68 -14.32
C GLU A 302 31.82 9.10 -14.81
N GLY A 303 32.85 9.75 -15.35
CA GLY A 303 32.68 11.09 -15.87
C GLY A 303 32.41 12.12 -14.81
N GLU A 304 32.85 11.88 -13.59
CA GLU A 304 32.69 12.84 -12.50
C GLU A 304 33.86 13.83 -12.55
N TYR A 305 33.53 15.12 -12.68
CA TYR A 305 34.53 16.17 -12.74
C TYR A 305 34.80 16.63 -11.31
N SER A 306 36.06 16.62 -10.89
CA SER A 306 36.38 16.77 -9.48
C SER A 306 36.92 18.16 -9.12
N GLU A 307 37.19 19.01 -10.10
CA GLU A 307 37.92 20.26 -9.90
C GLU A 307 37.01 21.47 -10.03
N GLY A 308 35.71 21.27 -9.96
CA GLY A 308 34.77 22.38 -9.97
C GLY A 308 33.44 21.96 -9.40
N THR A 309 32.71 22.94 -8.85
CA THR A 309 31.40 22.73 -8.26
C THR A 309 30.45 23.80 -8.78
N ASN A 310 29.15 23.57 -8.56
CA ASN A 310 28.10 24.53 -8.88
C ASN A 310 27.83 25.53 -7.74
N ASP A 311 28.71 25.62 -6.75
CA ASP A 311 28.49 26.52 -5.62
C ASP A 311 28.41 27.98 -6.05
N PHE A 312 29.18 28.37 -7.07
CA PHE A 312 29.12 29.75 -7.58
C PHE A 312 27.69 30.19 -7.83
N ALA A 313 26.85 29.29 -8.35
CA ALA A 313 25.48 29.67 -8.71
C ALA A 313 24.72 30.26 -7.53
N TYR A 314 24.97 29.77 -6.31
CA TYR A 314 24.23 30.18 -5.12
C TYR A 314 24.56 31.61 -4.68
N SER A 315 25.74 32.09 -5.02
CA SER A 315 26.10 33.46 -4.70
C SER A 315 25.45 34.44 -5.67
N ILE A 316 25.03 33.98 -6.85
CA ILE A 316 24.48 34.88 -7.87
C ILE A 316 22.95 34.82 -7.93
N TRP A 317 22.41 33.62 -8.14
CA TRP A 317 20.97 33.42 -8.29
C TRP A 317 20.38 33.09 -6.92
N LYS A 318 19.34 33.82 -6.54
CA LYS A 318 18.76 33.73 -5.21
C LYS A 318 17.42 33.00 -5.19
N GLY A 319 17.02 32.40 -6.30
CA GLY A 319 15.78 31.66 -6.35
C GLY A 319 16.01 30.17 -6.19
N PRO A 320 14.94 29.38 -6.34
CA PRO A 320 15.10 27.93 -6.24
C PRO A 320 16.13 27.40 -7.22
N ILE A 321 16.86 26.38 -6.78
CA ILE A 321 17.82 25.66 -7.62
C ILE A 321 17.54 24.16 -7.52
N ILE A 322 17.35 23.52 -8.67
CA ILE A 322 17.28 22.06 -8.78
C ILE A 322 18.66 21.56 -9.17
N ARG A 323 19.16 20.56 -8.46
CA ARG A 323 20.45 19.94 -8.78
C ARG A 323 20.23 18.48 -9.16
N ALA A 324 20.94 18.02 -10.20
CA ALA A 324 20.75 16.67 -10.71
C ALA A 324 22.07 16.01 -11.06
N GLY A 325 22.26 14.77 -10.62
CA GLY A 325 23.43 14.00 -11.09
C GLY A 325 23.95 13.03 -10.06
N ASN A 326 23.51 11.80 -10.16
CA ASN A 326 23.96 10.69 -9.32
C ASN A 326 23.66 10.94 -7.85
N TYR A 327 22.43 11.41 -7.56
CA TYR A 327 22.04 11.60 -6.17
C TYR A 327 21.35 10.37 -5.60
N ALA A 328 20.75 9.50 -6.43
CA ALA A 328 19.94 8.40 -5.88
C ALA A 328 20.80 7.46 -5.04
N LEU A 329 22.02 7.21 -5.47
CA LEU A 329 22.89 6.28 -4.77
C LEU A 329 23.75 6.97 -3.71
N HIS A 330 23.55 8.27 -3.48
CA HIS A 330 24.35 9.01 -2.51
C HIS A 330 23.45 9.86 -1.64
N PRO A 331 22.58 9.21 -0.85
CA PRO A 331 21.75 9.96 0.12
C PRO A 331 22.59 10.77 1.09
N GLU A 332 23.85 10.37 1.32
CA GLU A 332 24.68 11.14 2.23
C GLU A 332 25.01 12.51 1.66
N VAL A 333 25.12 12.63 0.33
CA VAL A 333 25.36 13.92 -0.30
C VAL A 333 24.09 14.76 -0.28
N VAL A 334 22.96 14.16 -0.63
CA VAL A 334 21.69 14.87 -0.60
C VAL A 334 21.43 15.46 0.78
N ARG A 335 21.61 14.64 1.82
CA ARG A 335 21.39 15.08 3.20
C ARG A 335 22.12 16.39 3.49
N GLU A 336 23.30 16.55 2.94
CA GLU A 336 24.09 17.70 3.14
C GLU A 336 23.59 18.89 2.31
N GLN A 337 23.36 18.61 1.04
CA GLN A 337 23.01 19.63 0.17
C GLN A 337 21.62 20.25 0.39
N VAL A 338 20.66 19.51 0.91
CA VAL A 338 19.33 20.07 1.13
C VAL A 338 19.25 20.84 2.42
N LYS A 339 20.36 20.96 3.15
CA LYS A 339 20.39 21.89 4.27
C LYS A 339 20.17 23.32 3.77
N ASP A 340 20.59 23.60 2.55
CA ASP A 340 20.21 24.86 1.93
C ASP A 340 18.70 24.85 1.67
N PRO A 341 17.98 25.90 2.09
CA PRO A 341 16.52 25.83 2.08
C PRO A 341 15.88 26.11 0.74
N ARG A 342 16.64 26.42 -0.30
CA ARG A 342 16.08 26.61 -1.63
C ARG A 342 16.56 25.58 -2.64
N THR A 343 17.07 24.45 -2.16
CA THR A 343 17.64 23.42 -3.04
C THR A 343 16.70 22.24 -3.23
N LEU A 344 16.48 21.87 -4.49
CA LEU A 344 15.78 20.64 -4.81
C LEU A 344 16.74 19.68 -5.51
N ILE A 345 16.38 18.40 -5.47
CA ILE A 345 17.21 17.34 -6.05
C ILE A 345 16.41 16.66 -7.14
N GLY A 346 17.00 16.63 -8.34
CA GLY A 346 16.46 15.86 -9.44
C GLY A 346 17.07 14.47 -9.52
N TYR A 347 16.21 13.48 -9.66
CA TYR A 347 16.60 12.08 -9.70
C TYR A 347 16.22 11.52 -11.07
N GLY A 348 17.21 11.26 -11.92
CA GLY A 348 16.90 10.86 -13.29
C GLY A 348 16.73 9.36 -13.50
N ARG A 349 17.85 8.66 -13.55
CA ARG A 349 17.85 7.26 -13.93
C ARG A 349 17.10 6.40 -12.93
N PHE A 350 17.11 6.76 -11.65
CA PHE A 350 16.38 5.93 -10.70
C PHE A 350 14.90 6.29 -10.60
N PHE A 351 14.48 7.40 -11.21
CA PHE A 351 13.05 7.61 -11.39
C PHE A 351 12.52 6.79 -12.57
N ILE A 352 13.36 6.54 -13.57
CA ILE A 352 13.03 5.59 -14.62
C ILE A 352 12.63 4.26 -14.01
N SER A 353 13.44 3.76 -13.06
CA SER A 353 13.27 2.42 -12.54
C SER A 353 12.42 2.33 -11.27
N ASN A 354 12.07 3.45 -10.62
CA ASN A 354 11.35 3.44 -9.35
C ASN A 354 10.17 4.38 -9.46
N PRO A 355 8.99 3.87 -9.83
CA PRO A 355 7.81 4.76 -9.88
C PRO A 355 7.48 5.37 -8.53
N ASP A 356 7.68 4.62 -7.46
CA ASP A 356 7.47 5.13 -6.11
C ASP A 356 8.78 5.60 -5.51
N LEU A 357 9.63 6.28 -6.29
CA LEU A 357 10.95 6.65 -5.78
C LEU A 357 10.83 7.52 -4.54
N VAL A 358 9.87 8.45 -4.53
CA VAL A 358 9.75 9.40 -3.43
C VAL A 358 9.50 8.66 -2.11
N TYR A 359 8.58 7.71 -2.13
CA TYR A 359 8.35 6.86 -0.95
C TYR A 359 9.61 6.13 -0.54
N ARG A 360 10.34 5.55 -1.50
CA ARG A 360 11.57 4.84 -1.15
C ARG A 360 12.62 5.77 -0.54
N LEU A 361 12.69 7.03 -1.00
CA LEU A 361 13.62 7.97 -0.39
C LEU A 361 13.17 8.34 1.02
N GLU A 362 11.87 8.53 1.20
CA GLU A 362 11.31 8.90 2.49
C GLU A 362 11.60 7.81 3.54
N GLU A 363 11.42 6.55 3.15
CA GLU A 363 11.51 5.44 4.11
C GLU A 363 12.87 4.75 4.10
N GLY A 364 13.80 5.18 3.26
CA GLY A 364 15.08 4.49 3.14
C GLY A 364 14.97 3.06 2.65
N LEU A 365 14.31 2.84 1.51
CA LEU A 365 14.09 1.51 1.00
C LEU A 365 15.06 1.18 -0.13
N PRO A 366 15.26 -0.10 -0.44
CA PRO A 366 16.11 -0.46 -1.57
C PRO A 366 15.55 0.10 -2.88
N LEU A 367 16.44 0.23 -3.87
CA LEU A 367 16.09 0.81 -5.17
C LEU A 367 16.12 -0.25 -6.26
N ASN A 368 15.10 -0.24 -7.13
CA ASN A 368 15.15 -1.05 -8.33
C ASN A 368 16.33 -0.64 -9.21
N LYS A 369 17.09 -1.64 -9.70
CA LYS A 369 18.04 -1.37 -10.79
C LYS A 369 17.28 -0.88 -12.01
N TYR A 370 17.93 -0.06 -12.82
CA TYR A 370 17.38 0.32 -14.11
C TYR A 370 17.98 -0.55 -15.20
N ASP A 371 17.23 -0.70 -16.27
CA ASP A 371 17.66 -1.49 -17.40
C ASP A 371 17.97 -0.55 -18.56
N ARG A 372 19.25 -0.43 -18.89
CA ARG A 372 19.65 0.56 -19.87
C ARG A 372 19.14 0.19 -21.26
N SER A 373 18.97 -1.11 -21.53
CA SER A 373 18.52 -1.52 -22.86
C SER A 373 17.07 -1.09 -23.18
N THR A 374 16.23 -0.76 -22.20
CA THR A 374 14.89 -0.25 -22.51
C THR A 374 14.76 1.25 -22.21
N PHE A 375 15.86 1.99 -22.13
CA PHE A 375 15.72 3.43 -21.98
C PHE A 375 14.96 4.01 -23.18
N TYR A 376 15.19 3.46 -24.38
CA TYR A 376 14.70 4.06 -25.61
C TYR A 376 13.92 3.14 -26.54
N THR A 377 13.48 1.97 -26.09
CA THR A 377 12.76 1.06 -26.97
C THR A 377 11.28 1.43 -27.03
N MET A 378 10.63 1.06 -28.13
CA MET A 378 9.20 1.31 -28.29
C MET A 378 8.48 0.17 -27.59
N SER A 379 8.42 0.28 -26.25
CA SER A 379 7.89 -0.80 -25.44
C SER A 379 7.33 -0.29 -24.12
N ALA A 380 6.30 -0.97 -23.63
CA ALA A 380 5.90 -0.74 -22.25
C ALA A 380 6.94 -1.34 -21.29
N GLU A 381 7.58 -2.43 -21.74
CA GLU A 381 8.69 -3.05 -21.02
C GLU A 381 9.81 -2.04 -20.83
N GLY A 382 10.24 -1.90 -19.58
CA GLY A 382 11.21 -0.90 -19.20
C GLY A 382 10.68 0.52 -19.13
N TYR A 383 9.36 0.71 -19.15
CA TYR A 383 8.70 2.01 -19.15
C TYR A 383 7.68 2.04 -18.01
N THR A 384 6.65 1.21 -18.12
CA THR A 384 5.54 1.20 -17.17
C THR A 384 5.48 -0.06 -16.30
N ASP A 385 6.45 -0.97 -16.41
CA ASP A 385 6.37 -2.22 -15.68
C ASP A 385 7.46 -2.35 -14.61
N TYR A 386 8.13 -1.28 -14.27
CA TYR A 386 8.96 -1.29 -13.06
C TYR A 386 8.04 -1.35 -11.84
N PRO A 387 8.26 -2.28 -10.91
CA PRO A 387 7.36 -2.40 -9.75
C PRO A 387 7.61 -1.36 -8.68
N THR A 388 6.55 -1.08 -7.91
CA THR A 388 6.70 -0.38 -6.65
C THR A 388 7.42 -1.29 -5.65
N TYR A 389 7.78 -0.72 -4.49
CA TYR A 389 8.53 -1.53 -3.53
C TYR A 389 7.76 -2.78 -3.14
N GLU A 390 6.47 -2.62 -2.81
CA GLU A 390 5.67 -3.74 -2.35
C GLU A 390 5.57 -4.82 -3.43
N GLU A 391 5.32 -4.39 -4.67
CA GLU A 391 5.31 -5.32 -5.79
C GLU A 391 6.65 -6.00 -5.93
N ALA A 392 7.74 -5.27 -5.69
CA ALA A 392 9.06 -5.87 -5.79
C ALA A 392 9.25 -6.96 -4.73
N VAL A 393 8.70 -6.76 -3.54
CA VAL A 393 8.80 -7.80 -2.50
C VAL A 393 7.87 -8.97 -2.84
N ASP A 394 6.76 -8.71 -3.53
CA ASP A 394 5.91 -9.76 -4.09
C ASP A 394 6.51 -10.39 -5.33
N LEU A 395 7.83 -10.55 -5.36
CA LEU A 395 8.41 -11.02 -6.57
C LEU A 395 9.75 -11.57 -6.15
N GLY A 396 10.02 -11.52 -4.88
CA GLY A 396 11.24 -12.09 -4.41
C GLY A 396 12.34 -11.11 -4.31
N TRP A 397 12.27 -9.99 -5.03
CA TRP A 397 13.40 -9.11 -4.97
C TRP A 397 13.70 -8.89 -3.50
N PRO B 2 -16.77 -43.45 28.25
CA PRO B 2 -16.02 -43.69 29.47
C PRO B 2 -15.58 -42.41 30.15
N PHE B 3 -15.20 -42.51 31.42
CA PHE B 3 -14.71 -41.35 32.14
C PHE B 3 -13.23 -41.11 31.83
N VAL B 4 -12.84 -39.84 31.96
CA VAL B 4 -11.43 -39.51 31.82
C VAL B 4 -10.64 -40.17 32.92
N LYS B 5 -9.58 -40.90 32.54
CA LYS B 5 -8.74 -41.60 33.51
C LYS B 5 -7.66 -40.66 34.04
N GLY B 6 -7.32 -40.82 35.31
CA GLY B 6 -6.28 -40.02 35.91
C GLY B 6 -6.71 -38.64 36.32
N PHE B 7 -7.99 -38.31 36.17
CA PHE B 7 -8.51 -37.00 36.52
C PHE B 7 -9.08 -37.11 37.93
N GLU B 8 -8.61 -36.22 38.81
CA GLU B 8 -9.14 -36.11 40.16
C GLU B 8 -10.06 -34.90 40.19
N PRO B 9 -11.37 -35.09 40.18
CA PRO B 9 -12.27 -33.92 40.16
C PRO B 9 -12.16 -33.10 41.44
N ILE B 10 -12.46 -31.81 41.32
CA ILE B 10 -12.64 -30.92 42.47
C ILE B 10 -14.00 -30.26 42.32
N SER B 11 -14.80 -30.33 43.38
CA SER B 11 -16.06 -29.61 43.39
C SER B 11 -15.78 -28.11 43.35
N LEU B 12 -16.47 -27.39 42.48
CA LEU B 12 -16.27 -25.95 42.34
C LEU B 12 -17.43 -25.15 42.89
N ARG B 13 -18.35 -25.79 43.61
CA ARG B 13 -19.59 -25.14 44.02
C ARG B 13 -19.33 -23.92 44.89
N ASP B 14 -18.30 -23.99 45.75
CA ASP B 14 -18.04 -22.90 46.68
C ASP B 14 -17.05 -21.89 46.13
N THR B 15 -17.02 -21.72 44.81
CA THR B 15 -16.23 -20.69 44.15
C THR B 15 -17.17 -19.73 43.43
N ASN B 16 -16.58 -18.67 42.88
CA ASN B 16 -17.33 -17.75 42.06
C ASN B 16 -17.85 -18.38 40.77
N LEU B 17 -17.32 -19.53 40.35
CA LEU B 17 -17.89 -20.21 39.18
C LEU B 17 -19.39 -20.40 39.35
N PHE B 18 -19.88 -20.47 40.60
CA PHE B 18 -21.30 -20.74 40.83
C PHE B 18 -21.98 -19.56 41.52
N GLU B 19 -21.51 -18.35 41.20
CA GLU B 19 -22.16 -17.12 41.60
C GLU B 19 -22.82 -16.49 40.37
N PRO B 20 -24.07 -16.01 40.49
CA PRO B 20 -24.73 -15.36 39.34
C PRO B 20 -24.01 -14.10 38.87
N ILE B 21 -24.27 -13.74 37.62
CA ILE B 21 -23.60 -12.62 36.99
C ILE B 21 -24.46 -12.16 35.82
N LYS B 22 -24.54 -10.85 35.64
CA LYS B 22 -25.27 -10.26 34.53
C LYS B 22 -24.36 -10.12 33.33
N ILE B 23 -24.78 -10.66 32.18
CA ILE B 23 -24.05 -10.52 30.92
C ILE B 23 -25.00 -9.93 29.90
N GLY B 24 -24.73 -8.72 29.47
CA GLY B 24 -25.65 -8.09 28.54
C GLY B 24 -27.02 -8.01 29.17
N ASN B 25 -28.03 -8.43 28.41
CA ASN B 25 -29.41 -8.46 28.87
C ASN B 25 -29.76 -9.70 29.66
N THR B 26 -28.79 -10.56 29.95
CA THR B 26 -29.07 -11.88 30.52
C THR B 26 -28.60 -11.91 31.98
N GLN B 27 -29.21 -12.80 32.76
CA GLN B 27 -28.79 -13.07 34.13
C GLN B 27 -28.38 -14.54 34.22
N LEU B 28 -27.08 -14.79 34.28
CA LEU B 28 -26.58 -16.15 34.42
C LEU B 28 -26.70 -16.61 35.86
N ALA B 29 -26.94 -17.90 36.06
CA ALA B 29 -26.87 -18.49 37.40
C ALA B 29 -25.48 -18.99 37.77
N HIS B 30 -24.57 -19.09 36.82
CA HIS B 30 -23.22 -19.59 37.05
C HIS B 30 -22.39 -19.09 35.88
N ARG B 31 -21.07 -19.30 35.98
CA ARG B 31 -20.11 -18.67 35.08
C ARG B 31 -19.36 -19.67 34.20
N ALA B 32 -19.87 -20.90 34.08
CA ALA B 32 -19.31 -21.90 33.17
C ALA B 32 -20.00 -21.75 31.82
N VAL B 33 -19.22 -21.46 30.79
CA VAL B 33 -19.76 -21.03 29.50
C VAL B 33 -19.52 -22.12 28.47
N MET B 34 -20.52 -22.33 27.61
CA MET B 34 -20.31 -23.18 26.45
C MET B 34 -19.76 -22.33 25.31
N PRO B 35 -18.49 -22.48 24.95
CA PRO B 35 -17.92 -21.61 23.95
C PRO B 35 -18.32 -22.07 22.57
N PRO B 36 -18.01 -21.31 21.53
CA PRO B 36 -18.29 -21.74 20.15
C PRO B 36 -17.55 -23.02 19.74
N LEU B 37 -18.30 -23.99 19.20
CA LEU B 37 -17.71 -25.25 18.74
C LEU B 37 -18.33 -25.67 17.41
N THR B 38 -17.56 -25.53 16.36
CA THR B 38 -17.92 -25.99 15.04
C THR B 38 -18.08 -27.52 15.05
N ARG B 39 -19.23 -28.01 14.61
CA ARG B 39 -19.53 -29.44 14.62
C ARG B 39 -19.92 -30.00 13.26
N MET B 40 -20.15 -29.14 12.26
N MET B 40 -20.15 -29.14 12.26
CA MET B 40 -20.27 -29.55 10.86
CA MET B 40 -20.26 -29.54 10.85
C MET B 40 -21.45 -30.49 10.63
C MET B 40 -21.46 -30.46 10.59
N ARG B 41 -22.58 -30.22 11.30
CA ARG B 41 -23.83 -30.93 11.09
C ARG B 41 -24.88 -30.13 10.30
N ALA B 42 -24.59 -28.91 9.92
CA ALA B 42 -25.41 -28.21 8.93
C ALA B 42 -25.42 -28.95 7.58
N THR B 43 -26.54 -28.79 6.86
CA THR B 43 -26.73 -29.47 5.59
C THR B 43 -26.47 -28.56 4.40
N HIS B 44 -26.10 -29.20 3.31
CA HIS B 44 -25.79 -28.57 2.05
C HIS B 44 -26.80 -29.07 1.02
N PRO B 45 -27.30 -28.18 0.16
CA PRO B 45 -26.95 -26.76 0.03
C PRO B 45 -27.62 -25.87 1.03
N GLY B 46 -27.11 -24.64 1.11
CA GLY B 46 -27.74 -23.56 1.86
C GLY B 46 -27.24 -23.36 3.26
N ASN B 47 -26.31 -24.21 3.73
CA ASN B 47 -25.68 -24.07 5.03
C ASN B 47 -26.74 -24.06 6.13
N ILE B 48 -27.62 -25.06 6.10
CA ILE B 48 -28.83 -25.05 6.93
C ILE B 48 -28.59 -25.77 8.24
N PRO B 49 -28.83 -25.15 9.41
CA PRO B 49 -28.64 -25.86 10.67
C PRO B 49 -29.41 -27.18 10.67
N ASN B 50 -28.82 -28.18 11.32
CA ASN B 50 -29.36 -29.53 11.30
C ASN B 50 -30.75 -29.59 11.91
N LYS B 51 -31.73 -30.07 11.15
CA LYS B 51 -33.11 -30.05 11.65
C LYS B 51 -33.41 -31.21 12.60
N GLU B 52 -32.56 -32.23 12.66
CA GLU B 52 -32.79 -33.43 13.47
C GLU B 52 -32.13 -33.32 14.83
N TRP B 53 -30.89 -32.82 14.86
CA TRP B 53 -30.00 -33.02 15.98
C TRP B 53 -29.57 -31.73 16.68
N ALA B 54 -29.60 -30.57 16.01
CA ALA B 54 -28.94 -29.39 16.55
C ALA B 54 -29.66 -28.86 17.77
N ALA B 55 -31.00 -28.68 17.67
CA ALA B 55 -31.77 -28.25 18.82
C ALA B 55 -31.57 -29.21 19.99
N VAL B 56 -31.63 -30.53 19.75
CA VAL B 56 -31.37 -31.50 20.81
C VAL B 56 -29.99 -31.29 21.43
N TYR B 57 -28.95 -31.19 20.60
CA TYR B 57 -27.59 -31.02 21.12
C TYR B 57 -27.48 -29.78 22.03
N TYR B 58 -28.01 -28.64 21.60
CA TYR B 58 -27.86 -27.41 22.38
C TYR B 58 -28.76 -27.41 23.62
N GLY B 59 -30.00 -27.88 23.49
CA GLY B 59 -30.85 -28.02 24.65
C GLY B 59 -30.26 -28.93 25.71
N GLN B 60 -29.61 -30.01 25.31
CA GLN B 60 -28.93 -30.86 26.29
C GLN B 60 -27.92 -30.07 27.09
N ARG B 61 -27.09 -29.30 26.41
CA ARG B 61 -26.06 -28.53 27.09
C ARG B 61 -26.59 -27.28 27.77
N ALA B 62 -27.82 -26.88 27.49
CA ALA B 62 -28.48 -25.76 28.18
C ALA B 62 -29.23 -26.20 29.42
N GLN B 63 -29.10 -27.47 29.84
CA GLN B 63 -30.02 -28.09 30.80
C GLN B 63 -29.90 -27.52 32.21
N ARG B 64 -28.78 -26.93 32.58
CA ARG B 64 -28.74 -26.21 33.84
C ARG B 64 -29.27 -24.79 33.63
N PRO B 65 -30.37 -24.42 34.27
CA PRO B 65 -30.93 -23.08 34.04
C PRO B 65 -29.92 -21.97 34.30
N GLY B 66 -29.95 -20.97 33.42
CA GLY B 66 -29.06 -19.85 33.59
C GLY B 66 -27.66 -20.07 33.06
N THR B 67 -27.49 -20.97 32.08
CA THR B 67 -26.23 -21.20 31.38
C THR B 67 -26.15 -20.30 30.14
N MET B 68 -24.97 -19.74 29.91
CA MET B 68 -24.66 -19.05 28.66
C MET B 68 -24.11 -20.02 27.60
N ILE B 69 -24.74 -20.06 26.43
CA ILE B 69 -24.30 -20.87 25.30
C ILE B 69 -23.94 -19.94 24.15
N ILE B 70 -22.71 -20.06 23.66
CA ILE B 70 -22.27 -19.42 22.40
C ILE B 70 -22.32 -20.47 21.29
N THR B 71 -22.98 -20.14 20.18
CA THR B 71 -23.08 -21.14 19.11
C THR B 71 -21.75 -21.39 18.41
N GLU B 72 -21.68 -22.52 17.74
CA GLU B 72 -20.71 -22.70 16.67
C GLU B 72 -20.59 -21.46 15.77
N GLY B 73 -19.43 -21.27 15.16
CA GLY B 73 -19.28 -20.19 14.21
C GLY B 73 -20.30 -20.32 13.10
N THR B 74 -20.90 -19.19 12.73
CA THR B 74 -22.04 -19.16 11.81
C THR B 74 -21.79 -18.11 10.74
N PHE B 75 -21.81 -18.53 9.47
CA PHE B 75 -21.41 -17.61 8.41
C PHE B 75 -22.38 -16.44 8.27
N ILE B 76 -21.82 -15.24 8.11
CA ILE B 76 -22.66 -14.05 7.91
C ILE B 76 -23.21 -13.91 6.50
N SER B 77 -22.63 -14.61 5.53
CA SER B 77 -23.03 -14.50 4.12
C SER B 77 -22.34 -15.61 3.33
N PRO B 78 -22.75 -15.87 2.10
CA PRO B 78 -22.01 -16.86 1.31
C PRO B 78 -20.55 -16.49 1.12
N GLN B 79 -20.25 -15.19 0.90
CA GLN B 79 -18.84 -14.85 0.63
C GLN B 79 -17.98 -14.96 1.89
N ALA B 80 -18.60 -14.96 3.08
CA ALA B 80 -17.88 -15.13 4.33
C ALA B 80 -17.56 -16.60 4.61
N GLY B 81 -18.16 -17.54 3.87
CA GLY B 81 -18.08 -18.96 4.21
C GLY B 81 -17.15 -19.74 3.31
N GLY B 82 -17.60 -20.94 2.92
CA GLY B 82 -16.78 -21.87 2.19
C GLY B 82 -16.69 -23.25 2.81
N TYR B 83 -17.36 -23.47 3.94
CA TYR B 83 -17.49 -24.80 4.54
C TYR B 83 -18.96 -25.21 4.41
N ASP B 84 -19.20 -26.24 3.59
CA ASP B 84 -20.55 -26.64 3.19
C ASP B 84 -21.42 -27.08 4.36
N ASN B 85 -20.83 -27.64 5.42
CA ASN B 85 -21.61 -28.16 6.53
C ASN B 85 -21.47 -27.33 7.81
N ALA B 86 -20.96 -26.13 7.72
CA ALA B 86 -21.14 -25.14 8.78
C ALA B 86 -22.37 -24.27 8.50
N PRO B 87 -23.11 -23.85 9.51
CA PRO B 87 -24.34 -23.10 9.27
C PRO B 87 -24.07 -21.62 8.99
N GLY B 88 -25.06 -20.98 8.36
CA GLY B 88 -25.10 -19.54 8.20
C GLY B 88 -26.38 -19.01 8.78
N ILE B 89 -26.51 -17.66 8.77
CA ILE B 89 -27.72 -17.00 9.29
C ILE B 89 -28.06 -15.74 8.50
N TRP B 90 -27.80 -15.81 7.19
CA TRP B 90 -28.20 -14.77 6.24
C TRP B 90 -29.56 -15.02 5.59
N SER B 91 -30.10 -16.24 5.65
CA SER B 91 -31.30 -16.56 4.89
C SER B 91 -32.47 -16.96 5.78
N ASP B 92 -33.67 -16.89 5.18
CA ASP B 92 -34.89 -17.27 5.85
C ASP B 92 -34.89 -18.74 6.24
N GLU B 93 -34.39 -19.60 5.36
CA GLU B 93 -34.40 -21.03 5.62
C GLU B 93 -33.47 -21.39 6.77
N GLN B 94 -32.37 -20.63 6.92
CA GLN B 94 -31.47 -20.81 8.05
C GLN B 94 -32.13 -20.30 9.35
N VAL B 95 -32.69 -19.07 9.30
CA VAL B 95 -33.31 -18.44 10.47
C VAL B 95 -34.42 -19.32 11.03
N ALA B 96 -35.18 -19.98 10.14
CA ALA B 96 -36.29 -20.83 10.57
C ALA B 96 -35.81 -21.96 11.48
N GLU B 97 -34.64 -22.55 11.17
N GLU B 97 -34.64 -22.56 11.19
CA GLU B 97 -34.12 -23.61 12.01
CA GLU B 97 -34.20 -23.63 12.10
C GLU B 97 -33.48 -23.05 13.29
C GLU B 97 -33.48 -23.06 13.32
N TRP B 98 -32.73 -21.96 13.15
CA TRP B 98 -32.17 -21.30 14.34
C TRP B 98 -33.24 -20.97 15.36
N LYS B 99 -34.40 -20.48 14.90
CA LYS B 99 -35.48 -20.22 15.83
C LYS B 99 -35.79 -21.42 16.72
N ASN B 100 -35.88 -22.60 16.13
CA ASN B 100 -36.08 -23.82 16.93
C ASN B 100 -34.95 -24.04 17.93
N ILE B 101 -33.70 -23.87 17.51
CA ILE B 101 -32.56 -24.05 18.40
C ILE B 101 -32.63 -23.07 19.59
N PHE B 102 -32.95 -21.77 19.36
CA PHE B 102 -32.95 -20.80 20.45
C PHE B 102 -34.09 -21.09 21.42
N LEU B 103 -35.24 -21.47 20.88
CA LEU B 103 -36.36 -21.96 21.68
C LEU B 103 -35.95 -23.10 22.61
N ALA B 104 -35.23 -24.11 22.07
CA ALA B 104 -34.76 -25.21 22.90
C ALA B 104 -33.90 -24.70 24.06
N ILE B 105 -32.98 -23.80 23.76
CA ILE B 105 -32.11 -23.28 24.80
C ILE B 105 -32.93 -22.48 25.79
N HIS B 106 -33.87 -21.67 25.30
CA HIS B 106 -34.69 -20.83 26.18
C HIS B 106 -35.67 -21.65 27.03
N ASP B 107 -36.19 -22.76 26.49
CA ASP B 107 -37.00 -23.68 27.29
C ASP B 107 -36.27 -24.14 28.55
N CYS B 108 -34.94 -24.20 28.50
CA CYS B 108 -34.13 -24.52 29.68
C CYS B 108 -33.84 -23.32 30.54
N GLN B 109 -34.30 -22.14 30.13
CA GLN B 109 -34.04 -20.92 30.87
C GLN B 109 -32.56 -20.57 30.83
N SER B 110 -31.96 -20.85 29.69
CA SER B 110 -30.59 -20.48 29.39
C SER B 110 -30.59 -19.51 28.21
N PHE B 111 -29.39 -19.16 27.75
CA PHE B 111 -29.19 -18.05 26.82
C PHE B 111 -28.28 -18.46 25.66
N ALA B 112 -28.48 -17.78 24.53
CA ALA B 112 -27.88 -18.15 23.26
C ALA B 112 -27.29 -16.93 22.57
N TRP B 113 -26.02 -17.05 22.21
CA TRP B 113 -25.25 -16.02 21.51
C TRP B 113 -24.74 -16.63 20.22
N VAL B 114 -25.06 -16.01 19.08
CA VAL B 114 -24.60 -16.51 17.79
C VAL B 114 -23.18 -16.01 17.53
N GLN B 115 -22.25 -16.93 17.28
CA GLN B 115 -20.92 -16.49 16.86
C GLN B 115 -20.94 -16.17 15.37
N LEU B 116 -20.68 -14.91 15.03
CA LEU B 116 -20.66 -14.43 13.65
C LEU B 116 -19.25 -14.62 13.07
N TRP B 117 -19.16 -15.34 11.94
CA TRP B 117 -17.94 -15.95 11.40
C TRP B 117 -17.70 -15.53 9.95
N SER B 118 -16.45 -15.14 9.64
CA SER B 118 -15.99 -15.01 8.26
C SER B 118 -14.59 -15.63 8.15
N LEU B 119 -14.36 -16.37 7.06
CA LEU B 119 -13.22 -17.28 7.04
C LEU B 119 -11.92 -16.67 6.48
N GLY B 120 -12.01 -15.82 5.46
CA GLY B 120 -10.78 -15.38 4.82
C GLY B 120 -9.95 -16.55 4.32
N TRP B 121 -8.64 -16.46 4.61
CA TRP B 121 -7.71 -17.37 3.97
C TRP B 121 -7.80 -18.80 4.50
N ALA B 122 -8.66 -19.06 5.49
CA ALA B 122 -8.90 -20.40 6.00
C ALA B 122 -10.01 -21.10 5.23
N SER B 123 -10.64 -20.42 4.30
CA SER B 123 -11.63 -21.05 3.45
C SER B 123 -10.98 -21.96 2.40
N PHE B 124 -11.84 -22.61 1.61
CA PHE B 124 -11.42 -23.56 0.57
C PHE B 124 -11.63 -22.89 -0.78
N PRO B 125 -10.57 -22.52 -1.49
CA PRO B 125 -10.75 -21.74 -2.75
C PRO B 125 -11.51 -22.49 -3.84
N ASP B 126 -11.46 -23.81 -3.84
CA ASP B 126 -12.17 -24.56 -4.85
C ASP B 126 -13.68 -24.58 -4.57
N VAL B 127 -14.07 -24.64 -3.29
CA VAL B 127 -15.49 -24.61 -2.95
C VAL B 127 -16.09 -23.24 -3.25
N LEU B 128 -15.35 -22.19 -2.91
CA LEU B 128 -15.76 -20.82 -3.24
C LEU B 128 -15.89 -20.61 -4.75
N ALA B 129 -14.91 -21.08 -5.53
CA ALA B 129 -14.99 -20.92 -6.98
C ALA B 129 -16.24 -21.60 -7.52
N ARG B 130 -16.60 -22.76 -6.96
CA ARG B 130 -17.82 -23.46 -7.33
C ARG B 130 -19.01 -22.53 -7.31
N ASP B 131 -19.13 -21.75 -6.23
CA ASP B 131 -20.28 -20.88 -6.04
C ASP B 131 -20.05 -19.47 -6.59
N GLY B 132 -18.95 -19.23 -7.28
CA GLY B 132 -18.74 -17.91 -7.83
C GLY B 132 -18.21 -16.88 -6.85
N LEU B 133 -17.62 -17.31 -5.73
CA LEU B 133 -17.14 -16.43 -4.67
C LEU B 133 -15.61 -16.28 -4.69
N ARG B 134 -15.13 -15.15 -4.19
CA ARG B 134 -13.71 -14.88 -4.11
C ARG B 134 -13.09 -15.70 -2.99
N TYR B 135 -11.76 -15.84 -3.05
CA TYR B 135 -10.96 -16.35 -1.93
C TYR B 135 -10.38 -15.11 -1.25
N ASP B 136 -10.95 -14.74 -0.10
CA ASP B 136 -10.71 -13.43 0.49
C ASP B 136 -9.59 -13.47 1.53
N CYS B 137 -8.86 -12.36 1.65
CA CYS B 137 -7.73 -12.28 2.57
C CYS B 137 -7.41 -10.81 2.84
N ALA B 138 -6.50 -10.58 3.79
CA ALA B 138 -5.97 -9.25 4.04
C ALA B 138 -4.97 -8.81 2.97
N SER B 139 -3.95 -9.63 2.70
CA SER B 139 -2.98 -9.35 1.63
C SER B 139 -2.75 -10.60 0.81
N ASP B 140 -2.93 -10.49 -0.51
CA ASP B 140 -2.61 -11.62 -1.37
C ASP B 140 -1.11 -11.88 -1.48
N ARG B 141 -0.30 -11.10 -0.78
CA ARG B 141 1.14 -11.33 -0.74
C ARG B 141 1.50 -12.54 0.12
N VAL B 142 0.60 -12.97 1.00
CA VAL B 142 0.87 -14.00 2.00
C VAL B 142 -0.24 -15.04 1.91
N TYR B 143 0.15 -16.32 1.92
CA TYR B 143 -0.74 -17.45 1.99
C TYR B 143 -0.51 -18.21 3.30
N MET B 144 -1.49 -19.02 3.67
N MET B 144 -1.47 -19.04 3.68
CA MET B 144 -1.35 -19.89 4.83
CA MET B 144 -1.28 -19.88 4.86
C MET B 144 -0.22 -20.92 4.64
C MET B 144 -0.19 -20.92 4.65
N ASN B 145 -0.12 -21.52 3.46
CA ASN B 145 0.83 -22.59 3.23
C ASN B 145 0.87 -22.92 1.74
N ALA B 146 1.83 -23.77 1.37
CA ALA B 146 2.00 -24.13 -0.03
C ALA B 146 0.75 -24.80 -0.59
N THR B 147 0.12 -25.67 0.22
CA THR B 147 -1.03 -26.45 -0.24
C THR B 147 -2.16 -25.55 -0.71
N LEU B 148 -2.63 -24.66 0.16
CA LEU B 148 -3.72 -23.76 -0.23
C LEU B 148 -3.31 -22.87 -1.38
N GLN B 149 -2.05 -22.43 -1.38
CA GLN B 149 -1.57 -21.64 -2.50
C GLN B 149 -1.74 -22.42 -3.80
N GLU B 150 -1.27 -23.66 -3.83
CA GLU B 150 -1.42 -24.49 -5.02
C GLU B 150 -2.90 -24.81 -5.29
N LYS B 151 -3.69 -24.99 -4.23
CA LYS B 151 -5.12 -25.25 -4.41
C LYS B 151 -5.80 -24.05 -5.03
N ALA B 152 -5.47 -22.84 -4.57
CA ALA B 152 -6.06 -21.62 -5.13
C ALA B 152 -5.72 -21.45 -6.60
N LYS B 153 -4.45 -21.70 -6.98
CA LYS B 153 -4.09 -21.70 -8.40
C LYS B 153 -4.92 -22.72 -9.17
N ASP B 154 -4.96 -23.96 -8.67
CA ASP B 154 -5.69 -25.02 -9.35
C ASP B 154 -7.16 -24.66 -9.50
N ALA B 155 -7.69 -23.80 -8.63
CA ALA B 155 -9.07 -23.36 -8.67
C ALA B 155 -9.28 -22.13 -9.52
N ASN B 156 -8.22 -21.55 -10.08
CA ASN B 156 -8.31 -20.25 -10.73
C ASN B 156 -9.00 -19.26 -9.81
N ASN B 157 -8.66 -19.34 -8.52
CA ASN B 157 -9.24 -18.48 -7.51
C ASN B 157 -8.16 -18.05 -6.53
N LEU B 158 -7.25 -17.20 -7.01
CA LEU B 158 -6.16 -16.72 -6.17
C LEU B 158 -6.68 -15.77 -5.10
N GLU B 159 -5.84 -15.59 -4.07
CA GLU B 159 -6.21 -14.70 -2.97
C GLU B 159 -6.54 -13.32 -3.50
N HIS B 160 -7.60 -12.78 -2.98
CA HIS B 160 -8.05 -11.42 -3.27
C HIS B 160 -7.93 -10.53 -2.04
N SER B 161 -6.98 -9.58 -2.06
CA SER B 161 -6.90 -8.57 -1.01
C SER B 161 -8.18 -7.75 -0.98
N LEU B 162 -8.85 -7.70 0.17
CA LEU B 162 -10.10 -6.94 0.23
C LEU B 162 -9.86 -5.51 -0.17
N THR B 163 -10.76 -5.00 -1.00
CA THR B 163 -10.85 -3.58 -1.26
C THR B 163 -11.65 -2.91 -0.15
N LYS B 164 -11.61 -1.58 -0.10
CA LYS B 164 -12.44 -0.88 0.87
C LYS B 164 -13.92 -1.15 0.63
N ASP B 165 -14.31 -1.37 -0.62
CA ASP B 165 -15.71 -1.70 -0.91
C ASP B 165 -16.05 -3.11 -0.42
N ASP B 166 -15.12 -4.06 -0.58
CA ASP B 166 -15.35 -5.39 0.00
C ASP B 166 -15.54 -5.30 1.50
N ILE B 167 -14.78 -4.43 2.18
CA ILE B 167 -14.86 -4.31 3.63
C ILE B 167 -16.20 -3.69 4.05
N LYS B 168 -16.69 -2.68 3.32
CA LYS B 168 -18.01 -2.17 3.60
C LYS B 168 -19.06 -3.26 3.44
N GLN B 169 -18.94 -4.09 2.41
CA GLN B 169 -19.91 -5.16 2.21
C GLN B 169 -19.85 -6.16 3.35
N TYR B 170 -18.65 -6.47 3.86
CA TYR B 170 -18.55 -7.39 4.99
C TYR B 170 -19.24 -6.82 6.21
N ILE B 171 -19.04 -5.52 6.47
CA ILE B 171 -19.73 -4.88 7.57
C ILE B 171 -21.25 -4.95 7.39
N LYS B 172 -21.75 -4.67 6.18
CA LYS B 172 -23.19 -4.86 5.98
C LYS B 172 -23.60 -6.34 6.14
N ASP B 173 -22.72 -7.31 5.77
CA ASP B 173 -22.98 -8.74 6.04
C ASP B 173 -23.09 -9.00 7.55
N TYR B 174 -22.16 -8.45 8.36
CA TYR B 174 -22.26 -8.54 9.83
C TYR B 174 -23.54 -7.89 10.36
N ILE B 175 -23.95 -6.76 9.81
CA ILE B 175 -25.15 -6.10 10.34
C ILE B 175 -26.38 -6.96 10.11
N HIS B 176 -26.48 -7.49 8.88
CA HIS B 176 -27.60 -8.30 8.45
C HIS B 176 -27.73 -9.60 9.25
N ALA B 177 -26.64 -10.35 9.38
CA ALA B 177 -26.62 -11.57 10.19
C ALA B 177 -26.96 -11.29 11.65
N ALA B 178 -26.51 -10.15 12.17
CA ALA B 178 -26.77 -9.86 13.58
C ALA B 178 -28.23 -9.49 13.77
N LYS B 179 -28.79 -8.73 12.83
CA LYS B 179 -30.22 -8.45 12.91
C LYS B 179 -31.03 -9.73 12.82
N ASN B 180 -30.65 -10.64 11.91
CA ASN B 180 -31.32 -11.93 11.81
C ASN B 180 -31.20 -12.72 13.11
N SER B 181 -29.99 -12.76 13.71
CA SER B 181 -29.82 -13.54 14.93
C SER B 181 -30.78 -13.06 15.99
N ILE B 182 -30.86 -11.73 16.21
CA ILE B 182 -31.72 -11.17 17.24
C ILE B 182 -33.19 -11.42 16.92
N ALA B 183 -33.58 -11.19 15.67
CA ALA B 183 -34.98 -11.44 15.32
C ALA B 183 -35.35 -12.91 15.48
N ALA B 184 -34.40 -13.83 15.31
CA ALA B 184 -34.65 -15.29 15.43
C ALA B 184 -34.77 -15.73 16.88
N GLY B 185 -34.43 -14.88 17.81
CA GLY B 185 -34.54 -15.11 19.24
C GLY B 185 -33.23 -15.05 20.01
N ALA B 186 -32.07 -14.90 19.36
CA ALA B 186 -30.82 -14.93 20.12
C ALA B 186 -30.75 -13.77 21.12
N ASP B 187 -30.08 -14.03 22.24
CA ASP B 187 -29.83 -13.03 23.27
C ASP B 187 -28.68 -12.10 22.92
N GLY B 188 -27.86 -12.47 21.94
CA GLY B 188 -26.80 -11.59 21.49
C GLY B 188 -25.97 -12.29 20.43
N VAL B 189 -24.89 -11.63 20.04
CA VAL B 189 -23.96 -12.19 19.06
C VAL B 189 -22.53 -12.02 19.59
N GLU B 190 -21.65 -12.91 19.18
CA GLU B 190 -20.22 -12.79 19.40
C GLU B 190 -19.52 -12.57 18.08
N ILE B 191 -18.69 -11.51 18.00
CA ILE B 191 -17.89 -11.24 16.82
C ILE B 191 -16.64 -12.11 16.90
N HIS B 192 -16.50 -13.02 15.96
CA HIS B 192 -15.32 -13.89 15.91
C HIS B 192 -14.13 -13.07 15.38
N SER B 193 -13.19 -12.70 16.25
CA SER B 193 -11.97 -12.04 15.80
C SER B 193 -10.73 -12.81 16.24
N ALA B 194 -10.87 -14.13 16.36
CA ALA B 194 -9.86 -15.04 16.93
C ALA B 194 -9.50 -16.13 15.92
N ASN B 195 -8.53 -16.98 16.34
CA ASN B 195 -8.25 -18.30 15.76
C ASN B 195 -7.87 -18.23 14.28
N GLY B 196 -7.36 -17.08 13.85
CA GLY B 196 -6.81 -16.89 12.51
C GLY B 196 -7.82 -16.75 11.40
N TYR B 197 -9.10 -16.48 11.70
CA TYR B 197 -10.08 -16.24 10.65
C TYR B 197 -9.99 -14.77 10.22
N LEU B 198 -10.97 -14.29 9.44
CA LEU B 198 -10.75 -13.09 8.63
C LEU B 198 -10.36 -11.87 9.48
N LEU B 199 -11.11 -11.59 10.53
CA LEU B 199 -10.83 -10.38 11.30
C LEU B 199 -9.47 -10.48 12.00
N ASN B 200 -9.15 -11.66 12.52
CA ASN B 200 -7.81 -11.91 13.08
C ASN B 200 -6.72 -11.72 12.02
N GLN B 201 -6.99 -12.12 10.77
CA GLN B 201 -6.00 -11.92 9.71
C GLN B 201 -5.68 -10.44 9.52
N PHE B 202 -6.67 -9.57 9.74
CA PHE B 202 -6.40 -8.14 9.66
C PHE B 202 -5.62 -7.67 10.88
N LEU B 203 -5.91 -8.25 12.06
CA LEU B 203 -5.22 -7.82 13.27
C LEU B 203 -3.74 -8.20 13.26
N ASP B 204 -3.40 -9.34 12.62
CA ASP B 204 -2.09 -9.97 12.80
C ASP B 204 -1.08 -9.44 11.78
N PRO B 205 0.14 -9.08 12.20
CA PRO B 205 1.10 -8.51 11.23
C PRO B 205 1.73 -9.53 10.30
N HIS B 206 1.60 -10.82 10.57
CA HIS B 206 2.06 -11.81 9.58
C HIS B 206 1.13 -11.87 8.38
N SER B 207 -0.19 -11.88 8.61
CA SER B 207 -1.13 -11.97 7.50
C SER B 207 -1.42 -10.61 6.89
N ASN B 208 -1.36 -9.54 7.68
CA ASN B 208 -1.76 -8.21 7.20
C ASN B 208 -0.51 -7.46 6.77
N LYS B 209 -0.20 -7.53 5.48
CA LYS B 209 0.91 -6.79 4.86
C LYS B 209 0.39 -5.62 4.04
N ARG B 210 -0.75 -5.04 4.43
CA ARG B 210 -1.35 -3.99 3.64
C ARG B 210 -0.64 -2.68 3.93
N THR B 211 -0.82 -1.73 3.01
CA THR B 211 -0.28 -0.39 3.17
C THR B 211 -1.35 0.69 2.94
N ASP B 212 -2.62 0.33 3.00
CA ASP B 212 -3.70 1.31 3.07
C ASP B 212 -4.06 1.51 4.54
N GLU B 213 -5.19 2.17 4.80
CA GLU B 213 -5.61 2.49 6.16
C GLU B 213 -6.00 1.26 6.99
N TYR B 214 -6.01 0.05 6.41
CA TYR B 214 -6.32 -1.18 7.13
C TYR B 214 -5.09 -2.01 7.46
N GLY B 215 -3.88 -1.47 7.31
CA GLY B 215 -2.68 -2.19 7.68
C GLY B 215 -1.53 -1.24 7.92
N GLY B 216 -0.40 -1.83 8.34
CA GLY B 216 0.85 -1.10 8.49
C GLY B 216 1.10 -0.47 9.85
N THR B 217 0.05 -0.27 10.66
CA THR B 217 0.19 0.16 12.05
C THR B 217 -0.78 -0.64 12.91
N ILE B 218 -0.53 -0.62 14.23
CA ILE B 218 -1.45 -1.22 15.20
C ILE B 218 -2.87 -0.70 15.01
N GLU B 219 -2.99 0.63 14.92
CA GLU B 219 -4.29 1.28 14.79
C GLU B 219 -5.01 0.85 13.51
N ASN B 220 -4.26 0.77 12.41
CA ASN B 220 -4.83 0.39 11.13
C ASN B 220 -5.21 -1.09 11.10
N ARG B 221 -4.41 -1.95 11.71
CA ARG B 221 -4.73 -3.38 11.71
C ARG B 221 -5.98 -3.68 12.55
N ALA B 222 -6.29 -2.81 13.52
CA ALA B 222 -7.47 -2.96 14.36
C ALA B 222 -8.75 -2.40 13.73
N ARG B 223 -8.63 -1.68 12.61
CA ARG B 223 -9.74 -0.88 12.11
C ARG B 223 -10.94 -1.73 11.71
N PHE B 224 -10.72 -2.82 10.97
CA PHE B 224 -11.83 -3.65 10.49
C PHE B 224 -12.61 -4.26 11.65
N THR B 225 -11.90 -4.81 12.63
CA THR B 225 -12.54 -5.39 13.81
C THR B 225 -13.36 -4.33 14.55
N LEU B 226 -12.78 -3.15 14.73
CA LEU B 226 -13.46 -2.11 15.49
C LEU B 226 -14.63 -1.54 14.69
N GLU B 227 -14.51 -1.48 13.35
CA GLU B 227 -15.62 -1.04 12.52
C GLU B 227 -16.78 -2.03 12.61
N VAL B 228 -16.49 -3.33 12.71
CA VAL B 228 -17.56 -4.30 12.88
C VAL B 228 -18.21 -4.11 14.26
N VAL B 229 -17.39 -3.93 15.29
CA VAL B 229 -17.91 -3.68 16.64
C VAL B 229 -18.86 -2.49 16.62
N ASP B 230 -18.40 -1.37 16.05
CA ASP B 230 -19.19 -0.15 16.06
C ASP B 230 -20.50 -0.33 15.28
N ALA B 231 -20.45 -1.06 14.17
CA ALA B 231 -21.64 -1.30 13.36
C ALA B 231 -22.71 -2.06 14.14
N LEU B 232 -22.28 -2.99 15.00
CA LEU B 232 -23.25 -3.79 15.76
C LEU B 232 -23.69 -3.08 17.04
N ILE B 233 -22.79 -2.36 17.71
CA ILE B 233 -23.21 -1.47 18.81
C ILE B 233 -24.37 -0.60 18.35
N GLU B 234 -24.26 -0.05 17.15
CA GLU B 234 -25.22 0.94 16.71
C GLU B 234 -26.53 0.31 16.28
N THR B 235 -26.50 -0.95 15.82
CA THR B 235 -27.71 -1.55 15.27
C THR B 235 -28.42 -2.51 16.21
N ILE B 236 -27.72 -3.22 17.09
CA ILE B 236 -28.38 -4.12 18.03
C ILE B 236 -28.00 -3.84 19.47
N GLY B 237 -27.09 -2.88 19.72
CA GLY B 237 -26.77 -2.47 21.06
C GLY B 237 -25.55 -3.19 21.64
N PRO B 238 -24.76 -2.48 22.44
CA PRO B 238 -23.53 -3.10 22.93
C PRO B 238 -23.77 -4.23 23.90
N GLU B 239 -24.89 -4.23 24.62
CA GLU B 239 -25.15 -5.32 25.55
C GLU B 239 -25.55 -6.62 24.84
N ARG B 240 -25.74 -6.59 23.51
CA ARG B 240 -25.98 -7.77 22.71
C ARG B 240 -24.76 -8.17 21.88
N VAL B 241 -23.59 -7.61 22.19
CA VAL B 241 -22.37 -7.82 21.40
C VAL B 241 -21.22 -8.18 22.32
N GLY B 242 -20.56 -9.30 21.99
CA GLY B 242 -19.28 -9.64 22.57
C GLY B 242 -18.24 -9.81 21.45
N LEU B 243 -16.98 -9.89 21.87
CA LEU B 243 -15.85 -9.98 20.93
C LEU B 243 -14.92 -11.06 21.42
N ARG B 244 -14.54 -11.96 20.51
CA ARG B 244 -13.56 -13.01 20.81
C ARG B 244 -12.20 -12.72 20.19
N LEU B 245 -11.15 -12.89 21.00
CA LEU B 245 -9.76 -12.65 20.60
C LEU B 245 -8.91 -13.81 21.09
N SER B 246 -7.80 -14.05 20.40
CA SER B 246 -6.85 -15.08 20.82
C SER B 246 -5.44 -14.53 20.67
N PRO B 247 -5.00 -13.68 21.61
CA PRO B 247 -3.68 -13.02 21.48
C PRO B 247 -2.53 -13.97 21.17
N TYR B 248 -2.48 -15.12 21.82
CA TYR B 248 -1.35 -16.03 21.70
C TYR B 248 -1.59 -17.12 20.70
N GLY B 249 -2.68 -17.07 19.95
CA GLY B 249 -2.99 -18.17 19.05
C GLY B 249 -2.07 -18.18 17.85
N THR B 250 -1.74 -19.40 17.39
CA THR B 250 -1.03 -19.61 16.15
C THR B 250 -1.80 -20.46 15.16
N PHE B 251 -2.92 -21.01 15.55
CA PHE B 251 -3.84 -21.63 14.62
C PHE B 251 -4.06 -20.76 13.40
N ASN B 252 -4.10 -21.40 12.22
CA ASN B 252 -4.33 -20.70 10.95
C ASN B 252 -3.27 -19.63 10.70
N SER B 253 -2.02 -19.96 11.03
CA SER B 253 -0.84 -19.17 10.66
C SER B 253 -0.85 -17.76 11.25
N MET B 254 -1.29 -17.63 12.51
CA MET B 254 -1.17 -16.36 13.23
C MET B 254 0.16 -16.31 13.99
N SER B 255 0.51 -15.10 14.45
CA SER B 255 1.86 -14.88 14.99
C SER B 255 2.01 -15.37 16.41
N GLY B 256 1.02 -15.12 17.27
CA GLY B 256 1.16 -15.48 18.67
C GLY B 256 2.31 -14.73 19.37
N GLY B 257 2.70 -15.28 20.53
CA GLY B 257 3.71 -14.67 21.38
C GLY B 257 5.09 -14.56 20.76
N ALA B 258 5.38 -15.35 19.72
CA ALA B 258 6.66 -15.20 19.01
C ALA B 258 6.86 -13.78 18.49
N GLU B 259 5.76 -13.04 18.29
CA GLU B 259 5.80 -11.68 17.78
C GLU B 259 5.81 -10.72 18.96
N PRO B 260 6.91 -10.05 19.27
CA PRO B 260 6.94 -9.24 20.50
C PRO B 260 5.98 -8.04 20.48
N GLY B 261 5.52 -7.58 19.32
CA GLY B 261 4.50 -6.55 19.27
C GLY B 261 3.07 -7.01 19.47
N ILE B 262 2.84 -8.29 19.77
CA ILE B 262 1.47 -8.79 19.70
C ILE B 262 0.63 -8.26 20.87
N ILE B 263 1.20 -8.12 22.07
CA ILE B 263 0.39 -7.59 23.18
C ILE B 263 0.00 -6.12 22.95
N ALA B 264 0.88 -5.34 22.32
CA ALA B 264 0.50 -3.98 21.94
C ALA B 264 -0.71 -4.01 20.99
N GLN B 265 -0.71 -4.92 20.02
CA GLN B 265 -1.83 -5.00 19.08
C GLN B 265 -3.15 -5.24 19.80
N TYR B 266 -3.17 -6.21 20.70
CA TYR B 266 -4.38 -6.58 21.42
C TYR B 266 -4.72 -5.57 22.51
N SER B 267 -3.71 -4.99 23.16
CA SER B 267 -3.97 -3.94 24.12
C SER B 267 -4.67 -2.76 23.47
N TYR B 268 -4.31 -2.45 22.24
CA TYR B 268 -4.94 -1.31 21.57
C TYR B 268 -6.44 -1.56 21.36
N VAL B 269 -6.79 -2.77 20.90
CA VAL B 269 -8.19 -3.15 20.72
C VAL B 269 -8.96 -3.00 22.04
N LEU B 270 -8.44 -3.60 23.10
CA LEU B 270 -9.13 -3.56 24.38
C LEU B 270 -9.26 -2.14 24.90
N GLY B 271 -8.23 -1.31 24.70
CA GLY B 271 -8.33 0.08 25.11
C GLY B 271 -9.42 0.82 24.37
N GLU B 272 -9.55 0.54 23.07
CA GLU B 272 -10.62 1.14 22.28
C GLU B 272 -11.98 0.70 22.76
N LEU B 273 -12.10 -0.57 23.17
CA LEU B 273 -13.36 -1.02 23.73
C LEU B 273 -13.66 -0.32 25.03
N GLU B 274 -12.63 -0.08 25.85
CA GLU B 274 -12.88 0.54 27.14
C GLU B 274 -13.23 2.02 26.98
N LYS B 275 -12.67 2.68 25.97
CA LYS B 275 -13.07 4.05 25.67
C LYS B 275 -14.53 4.10 25.29
N ARG B 276 -14.98 3.15 24.45
CA ARG B 276 -16.39 3.08 24.11
C ARG B 276 -17.23 2.84 25.36
N ALA B 277 -16.75 1.99 26.26
CA ALA B 277 -17.49 1.71 27.47
C ALA B 277 -17.63 2.96 28.32
N LYS B 278 -16.55 3.72 28.44
CA LYS B 278 -16.60 4.94 29.24
C LYS B 278 -17.53 5.98 28.63
N ALA B 279 -17.78 5.88 27.33
CA ALA B 279 -18.75 6.73 26.66
C ALA B 279 -20.15 6.17 26.72
N GLY B 280 -20.37 5.09 27.50
CA GLY B 280 -21.68 4.53 27.68
C GLY B 280 -22.07 3.40 26.75
N LYS B 281 -21.12 2.81 26.02
CA LYS B 281 -21.39 1.72 25.06
C LYS B 281 -20.43 0.58 25.37
N ARG B 282 -20.67 -0.11 26.49
CA ARG B 282 -19.80 -1.20 26.91
C ARG B 282 -20.27 -2.53 26.32
N LEU B 283 -19.37 -3.24 25.64
CA LEU B 283 -19.72 -4.56 25.14
C LEU B 283 -20.12 -5.49 26.27
N ALA B 284 -20.91 -6.51 25.92
CA ALA B 284 -21.39 -7.45 26.93
C ALA B 284 -20.24 -8.20 27.56
N PHE B 285 -19.21 -8.53 26.77
CA PHE B 285 -18.08 -9.28 27.27
C PHE B 285 -16.95 -9.27 26.24
N VAL B 286 -15.77 -9.59 26.73
CA VAL B 286 -14.64 -9.97 25.91
C VAL B 286 -14.36 -11.44 26.21
N HIS B 287 -14.13 -12.22 25.16
CA HIS B 287 -13.86 -13.64 25.26
C HIS B 287 -12.42 -13.85 24.80
N LEU B 288 -11.58 -14.42 25.66
CA LEU B 288 -10.18 -14.62 25.35
C LEU B 288 -9.84 -16.10 25.30
N VAL B 289 -9.25 -16.53 24.21
CA VAL B 289 -8.59 -17.82 24.21
C VAL B 289 -7.27 -17.69 24.97
N GLU B 290 -6.98 -18.66 25.83
CA GLU B 290 -5.79 -18.62 26.66
C GLU B 290 -4.59 -19.20 25.92
N PRO B 291 -3.37 -18.80 26.32
CA PRO B 291 -2.17 -19.47 25.80
C PRO B 291 -2.05 -20.92 26.26
N ARG B 292 -2.89 -21.33 27.20
CA ARG B 292 -3.03 -22.76 27.49
C ARG B 292 -3.32 -23.56 26.23
N VAL B 293 -4.02 -22.95 25.28
CA VAL B 293 -4.34 -23.63 24.02
C VAL B 293 -4.09 -22.67 22.85
N THR B 294 -2.89 -22.71 22.28
CA THR B 294 -2.57 -21.82 21.17
C THR B 294 -3.10 -22.34 19.85
N ASP B 295 -3.54 -23.62 19.81
CA ASP B 295 -4.02 -24.31 18.63
C ASP B 295 -4.98 -25.44 19.04
N PRO B 296 -6.29 -25.36 18.77
CA PRO B 296 -7.23 -26.34 19.34
C PRO B 296 -7.20 -27.69 18.66
N SER B 297 -6.37 -27.85 17.61
CA SER B 297 -6.23 -29.17 16.99
C SER B 297 -5.24 -30.05 17.74
N LEU B 298 -4.51 -29.48 18.71
CA LEU B 298 -3.59 -30.22 19.56
C LEU B 298 -4.30 -30.64 20.84
N VAL B 299 -3.92 -31.82 21.35
CA VAL B 299 -4.58 -32.33 22.55
C VAL B 299 -4.18 -31.47 23.75
N GLU B 300 -5.05 -31.46 24.77
CA GLU B 300 -4.81 -30.73 26.02
C GLU B 300 -3.40 -30.92 26.51
N GLY B 301 -2.71 -29.80 26.80
CA GLY B 301 -1.35 -29.82 27.27
C GLY B 301 -0.32 -29.58 26.18
N GLU B 302 -0.66 -29.91 24.93
CA GLU B 302 0.22 -29.61 23.80
C GLU B 302 -0.07 -28.22 23.26
N GLY B 303 0.99 -27.56 22.78
CA GLY B 303 0.86 -26.20 22.31
C GLY B 303 0.61 -25.19 23.40
N GLU B 304 1.10 -25.48 24.61
CA GLU B 304 1.02 -24.52 25.72
C GLU B 304 2.10 -23.47 25.57
N TYR B 305 1.72 -22.20 25.53
CA TYR B 305 2.69 -21.10 25.49
C TYR B 305 2.87 -20.58 26.91
N SER B 306 4.07 -20.74 27.47
CA SER B 306 4.29 -20.44 28.88
C SER B 306 4.99 -19.11 29.13
N GLU B 307 5.29 -18.34 28.09
CA GLU B 307 6.01 -17.09 28.28
C GLU B 307 5.12 -15.86 28.10
N GLY B 308 3.82 -16.00 28.28
CA GLY B 308 2.95 -14.85 28.27
C GLY B 308 1.59 -15.20 28.82
N THR B 309 0.89 -14.21 29.38
CA THR B 309 -0.44 -14.44 29.91
C THR B 309 -1.39 -13.38 29.38
N ASN B 310 -2.67 -13.64 29.58
CA ASN B 310 -3.70 -12.68 29.26
C ASN B 310 -3.95 -11.70 30.40
N ASP B 311 -3.05 -11.67 31.39
CA ASP B 311 -3.26 -10.77 32.53
C ASP B 311 -3.39 -9.33 32.09
N PHE B 312 -2.65 -8.92 31.05
CA PHE B 312 -2.68 -7.54 30.59
C PHE B 312 -4.12 -7.06 30.33
N ALA B 313 -5.00 -7.95 29.86
CA ALA B 313 -6.34 -7.53 29.49
C ALA B 313 -7.11 -6.97 30.67
N TYR B 314 -6.87 -7.52 31.87
CA TYR B 314 -7.61 -7.10 33.06
C TYR B 314 -7.26 -5.67 33.47
N SER B 315 -6.06 -5.20 33.14
CA SER B 315 -5.70 -3.82 33.44
C SER B 315 -6.32 -2.82 32.46
N ILE B 316 -6.82 -3.28 31.31
CA ILE B 316 -7.31 -2.39 30.27
C ILE B 316 -8.84 -2.40 30.21
N TRP B 317 -9.44 -3.56 29.97
CA TRP B 317 -10.88 -3.75 29.87
C TRP B 317 -11.47 -4.04 31.23
N LYS B 318 -12.57 -3.37 31.58
CA LYS B 318 -13.12 -3.49 32.92
C LYS B 318 -14.47 -4.20 32.95
N GLY B 319 -14.86 -4.83 31.84
CA GLY B 319 -16.07 -5.61 31.80
C GLY B 319 -15.80 -7.09 31.98
N PRO B 320 -16.84 -7.90 31.81
CA PRO B 320 -16.66 -9.35 31.93
C PRO B 320 -15.65 -9.87 30.93
N ILE B 321 -14.91 -10.88 31.36
CA ILE B 321 -13.93 -11.57 30.55
C ILE B 321 -14.21 -13.06 30.66
N ILE B 322 -14.50 -13.69 29.53
CA ILE B 322 -14.63 -15.14 29.46
C ILE B 322 -13.28 -15.69 29.02
N ARG B 323 -12.76 -16.69 29.73
CA ARG B 323 -11.46 -17.30 29.44
C ARG B 323 -11.66 -18.74 29.02
N ALA B 324 -11.09 -19.13 27.89
CA ALA B 324 -11.26 -20.50 27.40
C ALA B 324 -9.91 -21.12 27.12
N GLY B 325 -9.80 -22.44 27.43
CA GLY B 325 -8.62 -23.23 27.10
C GLY B 325 -8.10 -24.18 28.17
N ASN B 326 -8.33 -25.49 27.97
CA ASN B 326 -7.82 -26.57 28.85
C ASN B 326 -8.14 -26.36 30.33
N TYR B 327 -9.36 -25.93 30.63
CA TYR B 327 -9.75 -25.72 32.03
C TYR B 327 -10.54 -26.87 32.67
N ALA B 328 -11.21 -27.66 31.86
CA ALA B 328 -11.99 -28.78 32.40
C ALA B 328 -11.11 -29.72 33.22
N LEU B 329 -9.95 -30.05 32.70
CA LEU B 329 -9.01 -30.93 33.40
C LEU B 329 -8.20 -30.23 34.46
N HIS B 330 -8.41 -28.94 34.72
CA HIS B 330 -7.59 -28.18 35.65
C HIS B 330 -8.46 -27.33 36.56
N PRO B 331 -9.29 -27.98 37.36
CA PRO B 331 -10.09 -27.23 38.35
C PRO B 331 -9.24 -26.43 39.31
N GLU B 332 -7.99 -26.85 39.56
CA GLU B 332 -7.12 -26.08 40.45
C GLU B 332 -6.78 -24.72 39.85
N VAL B 333 -6.76 -24.62 38.52
CA VAL B 333 -6.51 -23.35 37.86
C VAL B 333 -7.77 -22.49 37.89
N VAL B 334 -8.92 -23.09 37.56
CA VAL B 334 -10.19 -22.36 37.61
C VAL B 334 -10.42 -21.78 38.98
N ARG B 335 -10.21 -22.59 40.02
CA ARG B 335 -10.41 -22.13 41.40
C ARG B 335 -9.66 -20.83 41.65
N GLU B 336 -8.45 -20.69 41.10
CA GLU B 336 -7.67 -19.47 41.35
C GLU B 336 -8.13 -18.32 40.46
N GLN B 337 -8.42 -18.59 39.19
CA GLN B 337 -8.76 -17.51 38.27
C GLN B 337 -10.14 -16.94 38.51
N VAL B 338 -11.12 -17.74 38.95
CA VAL B 338 -12.46 -17.19 39.20
C VAL B 338 -12.53 -16.41 40.49
N LYS B 339 -11.45 -16.36 41.28
CA LYS B 339 -11.42 -15.39 42.37
C LYS B 339 -11.60 -13.97 41.85
N ASP B 340 -11.14 -13.69 40.64
CA ASP B 340 -11.47 -12.42 40.01
C ASP B 340 -12.98 -12.36 39.80
N PRO B 341 -13.66 -11.28 40.22
CA PRO B 341 -15.14 -11.29 40.25
C PRO B 341 -15.83 -11.02 38.93
N ARG B 342 -15.11 -10.79 37.84
CA ARG B 342 -15.73 -10.60 36.53
C ARG B 342 -15.22 -11.63 35.51
N THR B 343 -14.73 -12.77 35.96
CA THR B 343 -14.17 -13.80 35.10
C THR B 343 -15.16 -14.95 34.96
N LEU B 344 -15.41 -15.35 33.72
CA LEU B 344 -16.16 -16.55 33.37
C LEU B 344 -15.21 -17.52 32.68
N ILE B 345 -15.58 -18.80 32.67
CA ILE B 345 -14.73 -19.85 32.14
C ILE B 345 -15.47 -20.61 31.02
N GLY B 346 -14.90 -20.58 29.81
CA GLY B 346 -15.44 -21.36 28.71
C GLY B 346 -14.79 -22.72 28.72
N TYR B 347 -15.62 -23.76 28.58
CA TYR B 347 -15.22 -25.16 28.45
C TYR B 347 -15.66 -25.67 27.09
N GLY B 348 -14.72 -25.97 26.21
CA GLY B 348 -15.04 -26.41 24.86
C GLY B 348 -15.16 -27.90 24.71
N ARG B 349 -14.01 -28.58 24.55
CA ARG B 349 -14.04 -30.00 24.21
C ARG B 349 -14.82 -30.81 25.22
N PHE B 350 -14.84 -30.43 26.50
CA PHE B 350 -15.54 -31.26 27.47
C PHE B 350 -17.00 -30.88 27.65
N PHE B 351 -17.44 -29.73 27.12
CA PHE B 351 -18.86 -29.56 26.90
C PHE B 351 -19.31 -30.43 25.72
N ILE B 352 -18.44 -30.68 24.74
CA ILE B 352 -18.84 -31.61 23.69
C ILE B 352 -19.31 -32.91 24.32
N SER B 353 -18.55 -33.42 25.29
CA SER B 353 -18.78 -34.78 25.75
C SER B 353 -19.58 -34.86 27.05
N ASN B 354 -19.92 -33.73 27.66
CA ASN B 354 -20.67 -33.75 28.91
C ASN B 354 -21.85 -32.78 28.82
N PRO B 355 -23.05 -33.26 28.47
CA PRO B 355 -24.19 -32.34 28.40
C PRO B 355 -24.51 -31.73 29.74
N ASP B 356 -24.25 -32.47 30.81
CA ASP B 356 -24.39 -31.99 32.18
C ASP B 356 -23.05 -31.58 32.78
N LEU B 357 -22.14 -30.99 31.99
CA LEU B 357 -20.88 -30.49 32.54
C LEU B 357 -21.06 -29.59 33.77
N VAL B 358 -22.05 -28.70 33.77
CA VAL B 358 -22.15 -27.75 34.88
C VAL B 358 -22.37 -28.49 36.19
N TYR B 359 -23.28 -29.47 36.18
CA TYR B 359 -23.52 -30.29 37.37
C TYR B 359 -22.26 -31.02 37.82
N ARG B 360 -21.49 -31.57 36.86
CA ARG B 360 -20.27 -32.30 37.21
C ARG B 360 -19.20 -31.38 37.79
N LEU B 361 -19.12 -30.14 37.29
CA LEU B 361 -18.22 -29.16 37.89
C LEU B 361 -18.66 -28.81 39.30
N GLU B 362 -19.97 -28.63 39.50
CA GLU B 362 -20.48 -28.21 40.81
C GLU B 362 -20.22 -29.28 41.87
N GLU B 363 -20.47 -30.54 41.53
CA GLU B 363 -20.38 -31.63 42.47
C GLU B 363 -19.00 -32.26 42.50
N GLY B 364 -18.16 -32.00 41.50
CA GLY B 364 -16.84 -32.62 41.47
C GLY B 364 -16.88 -34.07 41.02
N LEU B 365 -17.60 -34.36 39.90
CA LEU B 365 -17.80 -35.70 39.36
C LEU B 365 -16.88 -35.96 38.19
N PRO B 366 -16.59 -37.23 37.88
CA PRO B 366 -15.78 -37.53 36.69
C PRO B 366 -16.42 -36.98 35.42
N LEU B 367 -15.58 -36.83 34.39
CA LEU B 367 -15.98 -36.31 33.08
C LEU B 367 -15.95 -37.39 32.03
N ASN B 368 -16.96 -37.39 31.15
CA ASN B 368 -16.91 -38.17 29.93
C ASN B 368 -15.73 -37.71 29.09
N LYS B 369 -14.91 -38.66 28.65
CA LYS B 369 -13.94 -38.36 27.59
C LYS B 369 -14.70 -38.01 26.32
N TYR B 370 -14.12 -37.10 25.53
CA TYR B 370 -14.65 -36.81 24.20
C TYR B 370 -14.06 -37.77 23.13
N ASP B 371 -14.76 -37.88 22.00
CA ASP B 371 -14.36 -38.71 20.85
C ASP B 371 -14.05 -37.81 19.68
N ARG B 372 -12.75 -37.57 19.44
CA ARG B 372 -12.33 -36.67 18.36
C ARG B 372 -12.91 -37.12 17.03
N SER B 373 -13.17 -38.40 16.90
CA SER B 373 -13.47 -38.90 15.56
C SER B 373 -14.83 -38.46 15.09
N THR B 374 -15.70 -38.05 16.01
CA THR B 374 -17.04 -37.56 15.69
C THR B 374 -17.21 -36.07 15.95
N PHE B 375 -16.10 -35.32 16.06
CA PHE B 375 -16.17 -33.87 16.19
C PHE B 375 -16.96 -33.25 15.05
N TYR B 376 -16.75 -33.74 13.81
CA TYR B 376 -17.25 -33.06 12.61
C TYR B 376 -18.07 -33.95 11.69
N THR B 377 -18.49 -35.13 12.16
CA THR B 377 -19.15 -36.10 11.30
C THR B 377 -20.63 -35.75 11.22
N MET B 378 -21.26 -36.15 10.11
CA MET B 378 -22.70 -35.90 9.98
C MET B 378 -23.44 -37.02 10.69
N SER B 379 -23.43 -36.95 12.01
CA SER B 379 -23.99 -38.01 12.84
C SER B 379 -24.53 -37.47 14.16
N ALA B 380 -25.65 -38.08 14.59
CA ALA B 380 -26.08 -38.00 15.98
C ALA B 380 -25.06 -38.64 16.91
N GLU B 381 -24.36 -39.68 16.46
CA GLU B 381 -23.29 -40.27 17.25
C GLU B 381 -22.20 -39.23 17.56
N GLY B 382 -21.79 -39.16 18.82
CA GLY B 382 -20.81 -38.17 19.24
C GLY B 382 -21.31 -36.74 19.16
N TYR B 383 -22.63 -36.57 19.10
CA TYR B 383 -23.24 -35.25 19.07
C TYR B 383 -24.28 -35.18 20.19
N THR B 384 -25.30 -36.05 20.13
CA THR B 384 -26.39 -36.06 21.10
C THR B 384 -26.46 -37.31 21.95
N ASP B 385 -25.50 -38.22 21.86
CA ASP B 385 -25.57 -39.49 22.58
C ASP B 385 -24.51 -39.60 23.66
N TYR B 386 -23.86 -38.50 24.02
CA TYR B 386 -23.06 -38.56 25.22
C TYR B 386 -23.95 -38.53 26.45
N PRO B 387 -23.68 -39.36 27.47
CA PRO B 387 -24.58 -39.45 28.64
C PRO B 387 -24.35 -38.40 29.72
N THR B 388 -25.42 -38.14 30.47
CA THR B 388 -25.27 -37.46 31.76
C THR B 388 -24.55 -38.39 32.73
N TYR B 389 -24.12 -37.82 33.86
CA TYR B 389 -23.47 -38.63 34.88
C TYR B 389 -24.39 -39.76 35.33
N GLU B 390 -25.63 -39.42 35.68
CA GLU B 390 -26.59 -40.43 36.14
C GLU B 390 -26.77 -41.53 35.11
N GLU B 391 -26.86 -41.17 33.82
CA GLU B 391 -27.02 -42.17 32.76
C GLU B 391 -25.75 -43.01 32.59
N ALA B 392 -24.58 -42.41 32.80
CA ALA B 392 -23.33 -43.15 32.65
C ALA B 392 -23.12 -44.14 33.79
N VAL B 393 -23.56 -43.84 35.01
CA VAL B 393 -23.33 -44.76 36.12
C VAL B 393 -24.34 -45.88 36.11
N ASP B 394 -25.49 -45.68 35.47
CA ASP B 394 -26.43 -46.74 35.17
C ASP B 394 -25.86 -47.63 34.05
N LEU B 395 -25.43 -47.01 32.96
CA LEU B 395 -24.87 -47.66 31.80
C LEU B 395 -23.56 -48.31 32.16
N GLY B 396 -23.11 -48.04 33.36
CA GLY B 396 -21.95 -48.70 33.93
C GLY B 396 -20.63 -47.97 34.03
N TRP B 397 -20.56 -46.69 33.67
CA TRP B 397 -19.27 -46.00 33.65
C TRP B 397 -18.61 -45.80 35.03
N1 FMN C . 18.15 15.83 -19.69
C2 FMN C . 17.41 16.80 -20.31
O2 FMN C . 17.59 17.98 -20.04
N3 FMN C . 16.47 16.43 -21.26
C4 FMN C . 16.21 15.15 -21.59
O4 FMN C . 15.30 14.93 -22.42
C4A FMN C . 16.99 14.16 -20.97
N5 FMN C . 16.80 12.84 -21.27
C5A FMN C . 17.52 11.84 -20.64
C6 FMN C . 17.33 10.48 -20.98
C7 FMN C . 18.07 9.49 -20.37
C7M FMN C . 17.80 8.03 -20.74
C8 FMN C . 19.04 9.86 -19.41
C8M FMN C . 19.91 8.88 -18.68
C9 FMN C . 19.24 11.20 -19.09
C9A FMN C . 18.49 12.19 -19.71
N10 FMN C . 18.71 13.53 -19.40
C10 FMN C . 17.95 14.51 -20.01
C1' FMN C . 19.72 13.92 -18.32
C2' FMN C . 18.99 13.77 -16.95
O2' FMN C . 17.88 14.67 -16.77
C3' FMN C . 19.96 13.94 -15.76
O3' FMN C . 20.45 15.26 -15.76
C4' FMN C . 21.14 12.93 -15.79
O4' FMN C . 20.64 11.64 -16.17
C5' FMN C . 21.89 12.79 -14.46
O5' FMN C . 20.98 12.56 -13.43
P FMN C . 20.90 11.11 -12.73
O1P FMN C . 19.88 11.14 -11.59
O2P FMN C . 20.30 10.20 -13.81
O3P FMN C . 22.19 10.56 -12.23
C1' HBA D . 19.58 11.08 -23.48
O1' HBA D . 18.94 10.53 -24.31
C1 HBA D . 19.47 12.60 -23.30
C2 HBA D . 20.43 13.23 -22.51
C3 HBA D . 20.41 14.58 -22.31
C4 HBA D . 19.42 15.34 -22.89
C5 HBA D . 18.47 14.77 -23.70
C6 HBA D . 18.50 13.39 -23.92
O4 HBA D . 19.40 16.71 -22.70
NA NA E . -1.84 26.65 -30.58
O2' TOE F . -2.62 23.96 -30.80
CA' TOE F . -2.00 23.65 -32.03
CB' TOE F . -1.03 24.75 -32.41
OC' TOE F . -1.68 25.98 -32.25
CD' TOE F . -1.07 27.08 -32.84
CE' TOE F . -0.46 28.04 -31.81
OF' TOE F . -1.35 28.74 -31.00
CG' TOE F . -0.70 29.16 -29.84
CH' TOE F . -1.82 29.58 -28.92
OI' TOE F . -2.27 28.46 -28.22
CK' TOE F . -3.46 28.73 -27.54
O2' TOE G . -8.94 21.24 -24.03
CA' TOE G . -10.11 20.59 -23.60
CB' TOE G . -10.13 19.08 -23.92
OC' TOE G . -10.45 18.77 -25.27
CD' TOE G . -9.35 18.83 -26.14
CE' TOE G . -9.12 17.70 -27.17
OF' TOE G . -7.87 17.96 -27.80
CG' TOE G . -7.81 18.94 -28.81
CH' TOE G . -6.41 19.58 -28.95
OI' TOE G . -6.57 20.88 -29.47
CK' TOE G . -6.14 21.99 -28.72
N1 FMN H . -13.69 -21.51 18.48
C2 FMN H . -14.42 -20.51 17.87
O2 FMN H . -14.22 -19.29 18.18
N3 FMN H . -15.38 -20.87 16.92
C4 FMN H . -15.63 -22.18 16.60
O4 FMN H . -16.51 -22.46 15.76
C4A FMN H . -14.85 -23.17 17.24
N5 FMN H . -15.03 -24.50 16.93
C5A FMN H . -14.30 -25.51 17.55
C6 FMN H . -14.55 -26.83 17.23
C7 FMN H . -13.83 -27.86 17.82
C7M FMN H . -14.13 -29.28 17.44
C8 FMN H . -12.88 -27.54 18.78
C8M FMN H . -12.07 -28.62 19.44
C9 FMN H . -12.62 -26.20 19.11
C9A FMN H . -13.34 -25.16 18.51
N10 FMN H . -13.15 -23.80 18.83
C10 FMN H . -13.89 -22.82 18.18
C1' FMN H . -12.17 -23.39 19.87
C2' FMN H . -12.86 -23.61 21.21
O2' FMN H . -13.95 -22.69 21.36
C3' FMN H . -11.93 -23.36 22.40
O3' FMN H . -11.41 -22.04 22.29
C4' FMN H . -10.76 -24.36 22.42
O4' FMN H . -11.21 -25.65 22.02
C5' FMN H . -10.08 -24.43 23.79
O5' FMN H . -10.98 -24.72 24.84
P FMN H . -11.05 -26.23 25.45
O1P FMN H . -9.65 -26.66 25.87
O2P FMN H . -11.98 -26.05 26.65
O3P FMN H . -11.58 -27.15 24.35
C1' HBA I . -12.48 -25.96 14.54
O1' HBA I . -13.41 -26.39 13.98
C1 HBA I . -12.45 -24.48 14.84
C2 HBA I . -11.53 -23.98 15.75
C3 HBA I . -11.51 -22.63 16.04
C4 HBA I . -12.42 -21.78 15.42
C5 HBA I . -13.36 -22.28 14.53
C6 HBA I . -13.37 -23.64 14.25
O4 HBA I . -12.43 -20.42 15.74
NA NA J . -34.16 -11.02 7.85
O2' TOE K . -33.97 -13.29 6.81
CA' TOE K . -33.13 -12.99 5.72
CB' TOE K . -33.28 -11.52 5.35
OC' TOE K . -32.05 -10.83 5.48
CD' TOE K . -31.86 -10.09 6.65
CE' TOE K . -32.06 -8.58 6.46
OF' TOE K . -33.14 -8.14 7.25
CG' TOE K . -33.00 -7.97 8.64
CH' TOE K . -34.23 -8.71 9.16
OI' TOE K . -34.60 -8.53 10.48
CK' TOE K . -35.89 -9.08 10.62
O2' TOE L . -40.95 -19.86 10.89
CA' TOE L . -40.13 -19.80 9.73
CB' TOE L . -39.09 -18.70 9.97
OC' TOE L . -38.85 -17.87 8.86
CD' TOE L . -38.07 -16.73 9.18
CE' TOE L . -38.92 -15.68 9.89
OF' TOE L . -38.13 -14.60 10.36
CG' TOE L . -37.84 -14.61 11.74
CH' TOE L . -38.90 -13.82 12.50
OI' TOE L . -38.99 -14.29 13.81
CK' TOE L . -40.27 -14.47 14.34
#